data_5TE2
#
_entry.id   5TE2
#
_cell.length_a   62.696
_cell.length_b   66.364
_cell.length_c   203.956
_cell.angle_alpha   90.000
_cell.angle_beta   90.000
_cell.angle_gamma   90.000
#
_symmetry.space_group_name_H-M   'P 21 21 21'
#
loop_
_entity.id
_entity.type
_entity.pdbx_description
1 polymer 'Adenosylmethionine-8-amino-7-oxononanoate aminotransferase'
2 non-polymer '[5-hydroxy-4-({[6-(3-hydroxypropyl)-4-oxo-1,4-dihydropyridin-3-yl]amino}methyl)-6-methylpyridin-3-yl]methyl dihydrogen phosphate'
3 non-polymer DI(HYDROXYETHYL)ETHER
4 non-polymer 1,2-ETHANEDIOL
5 non-polymer 'TRIETHYLENE GLYCOL'
6 water water
#
_entity_poly.entity_id   1
_entity_poly.type   'polypeptide(L)'
_entity_poly.pdbx_seq_one_letter_code
;MGSSHHHHHHSSGLVPRGSHMAAATGGLTPEQIIAVDGAHLWHPYSSIGREAVSPVVAVAAHGAWLTLIRDGQPIEVLDA
MSSWWTAIHGHGHPALDQALTTQLRVMNHVMFGGLTHEPAARLAKLLVDITPAGLDTVFFSDSGSVSVEVAAKMALQYWR
GRGLPGKRRLMTWRGGYHGDTFLAMSICDPHGGMHSLWTDVLAAQVFAPQVPRDYDPAYSAAFEAQLAQHAGELAAVVVE
PVVQGAGGMRFHDPRYLHDLRDICRRYEVLLIFDEIATGFGRTGALFAADHAGVSPDIMCVGKALTGGYLSLAATLCTAD
VAHTISAGAAGALMHGPTFMANPLACAVSVASVELLLGQDWRTRITELAAGLTAGLDTARALPAVTDVRVCGAIGVIECD
RPVDLAVATPAALDRGVWLRPFRNLVYAMPPYICTPAEITQITSAMVEVARLVGSLP
;
_entity_poly.pdbx_strand_id   B,A
#
# COMPACT_ATOMS: atom_id res chain seq x y z
N GLY A 27 15.28 3.45 22.78
CA GLY A 27 14.89 4.85 22.71
C GLY A 27 15.99 5.75 22.16
N LEU A 28 15.60 6.94 21.68
CA LEU A 28 16.52 7.88 21.05
C LEU A 28 16.15 9.30 21.47
N THR A 29 17.17 10.14 21.65
CA THR A 29 16.99 11.57 21.83
C THR A 29 16.78 12.23 20.47
N PRO A 30 16.25 13.46 20.44
CA PRO A 30 16.09 14.14 19.14
C PRO A 30 17.39 14.27 18.36
N GLU A 31 18.51 14.51 19.04
CA GLU A 31 19.80 14.57 18.34
C GLU A 31 20.16 13.20 17.75
N GLN A 32 19.86 12.12 18.46
CA GLN A 32 20.10 10.79 17.93
C GLN A 32 19.18 10.48 16.76
N ILE A 33 17.93 10.94 16.85
CA ILE A 33 16.96 10.75 15.77
C ILE A 33 17.43 11.44 14.50
N ILE A 34 17.91 12.68 14.63
CA ILE A 34 18.42 13.41 13.48
C ILE A 34 19.60 12.67 12.85
N ALA A 35 20.49 12.11 13.69
CA ALA A 35 21.67 11.41 13.19
C ALA A 35 21.28 10.17 12.40
N VAL A 36 20.43 9.32 12.98
CA VAL A 36 19.93 8.15 12.28
C VAL A 36 19.22 8.54 11.00
N ASP A 37 18.34 9.54 11.09
CA ASP A 37 17.54 9.99 9.95
C ASP A 37 18.43 10.43 8.80
N GLY A 38 19.39 11.32 9.07
CA GLY A 38 20.24 11.81 8.00
C GLY A 38 21.04 10.72 7.32
N ALA A 39 21.40 9.66 8.05
CA ALA A 39 22.22 8.60 7.51
C ALA A 39 21.40 7.50 6.83
N HIS A 40 20.21 7.23 7.30
CA HIS A 40 19.52 5.99 6.92
C HIS A 40 18.10 6.12 6.37
N LEU A 41 17.45 7.29 6.42
CA LEU A 41 16.03 7.36 6.08
C LEU A 41 15.81 8.17 4.80
N TRP A 42 15.16 7.55 3.82
CA TRP A 42 14.60 8.29 2.71
C TRP A 42 13.34 9.03 3.15
N HIS A 43 13.18 10.26 2.70
CA HIS A 43 11.96 11.01 2.86
C HIS A 43 11.25 11.14 1.52
N PRO A 44 9.98 11.57 1.51
CA PRO A 44 9.24 11.62 0.24
C PRO A 44 9.93 12.55 -0.75
N TYR A 45 10.09 12.05 -1.99
CA TYR A 45 10.60 12.88 -3.09
C TYR A 45 11.88 13.61 -2.70
N SER A 46 12.79 12.88 -2.06
CA SER A 46 13.95 13.52 -1.43
C SER A 46 15.22 12.80 -1.83
N SER A 47 16.34 13.44 -1.53
CA SER A 47 17.64 12.83 -1.69
C SER A 47 18.09 12.25 -0.34
N ILE A 48 19.13 11.42 -0.41
CA ILE A 48 19.92 11.05 0.75
C ILE A 48 21.15 11.93 0.75
N GLY A 49 21.34 12.69 1.83
CA GLY A 49 22.58 13.41 2.05
C GLY A 49 22.70 14.78 1.40
N ARG A 50 21.71 15.22 0.63
CA ARG A 50 21.81 16.54 0.00
C ARG A 50 20.55 17.37 0.15
N GLU A 51 19.77 17.14 1.20
CA GLU A 51 18.59 17.97 1.43
C GLU A 51 19.02 19.31 2.00
N ALA A 52 18.46 20.39 1.44
CA ALA A 52 18.82 21.73 1.89
C ALA A 52 18.27 22.01 3.28
N VAL A 53 17.14 21.40 3.63
CA VAL A 53 16.55 21.51 4.96
C VAL A 53 16.50 20.11 5.56
N SER A 54 17.08 19.96 6.74
CA SER A 54 16.93 18.66 7.37
C SER A 54 15.57 18.57 8.05
N PRO A 55 15.01 17.36 8.17
CA PRO A 55 13.69 17.24 8.80
C PRO A 55 13.74 17.64 10.27
N VAL A 56 12.60 18.11 10.75
CA VAL A 56 12.36 18.46 12.14
C VAL A 56 11.78 17.26 12.86
N VAL A 57 12.28 16.99 14.08
CA VAL A 57 11.75 15.87 14.87
C VAL A 57 10.38 16.22 15.41
N ALA A 58 9.40 15.37 15.13
CA ALA A 58 8.08 15.42 15.74
C ALA A 58 8.02 14.40 16.88
N VAL A 59 7.58 14.86 18.06
CA VAL A 59 7.58 14.00 19.24
C VAL A 59 6.19 13.69 19.76
N ALA A 60 5.16 14.42 19.33
CA ALA A 60 3.80 14.16 19.78
C ALA A 60 2.83 14.86 18.84
N ALA A 61 1.56 14.44 18.89
CA ALA A 61 0.51 15.09 18.12
C ALA A 61 -0.80 14.88 18.85
N HIS A 62 -1.52 15.97 19.11
CA HIS A 62 -2.77 15.87 19.86
C HIS A 62 -3.72 16.93 19.33
N GLY A 63 -4.93 16.52 18.98
CA GLY A 63 -5.87 17.45 18.37
C GLY A 63 -5.31 18.02 17.09
N ALA A 64 -5.43 19.34 16.94
CA ALA A 64 -4.93 20.04 15.77
C ALA A 64 -3.46 20.43 15.86
N TRP A 65 -2.76 19.96 16.89
CA TRP A 65 -1.41 20.45 17.21
C TRP A 65 -0.36 19.34 17.13
N LEU A 66 0.80 19.69 16.58
CA LEU A 66 1.99 18.85 16.57
C LEU A 66 2.98 19.42 17.58
N THR A 67 3.69 18.55 18.28
CA THR A 67 4.82 18.98 19.09
C THR A 67 6.08 18.67 18.31
N LEU A 68 6.83 19.71 17.95
CA LEU A 68 8.05 19.61 17.17
C LEU A 68 9.22 20.14 17.98
N ILE A 69 10.42 19.67 17.64
CA ILE A 69 11.66 20.08 18.29
C ILE A 69 12.30 21.16 17.43
N ARG A 70 12.33 22.39 17.93
CA ARG A 70 13.00 23.49 17.25
C ARG A 70 14.09 24.00 18.19
N ASP A 71 15.33 23.94 17.73
CA ASP A 71 16.48 24.35 18.54
C ASP A 71 16.47 23.63 19.88
N GLY A 72 16.24 22.33 19.84
CA GLY A 72 16.18 21.52 21.04
C GLY A 72 15.01 21.80 21.96
N GLN A 73 14.13 22.75 21.62
CA GLN A 73 12.98 23.04 22.45
C GLN A 73 11.73 22.41 21.86
N PRO A 74 10.94 21.68 22.65
CA PRO A 74 9.63 21.23 22.16
C PRO A 74 8.68 22.42 22.07
N ILE A 75 8.05 22.58 20.89
CA ILE A 75 7.06 23.63 20.68
C ILE A 75 5.82 23.00 20.04
N GLU A 76 4.65 23.59 20.33
CA GLU A 76 3.40 23.13 19.73
C GLU A 76 3.05 24.02 18.54
N VAL A 77 2.69 23.39 17.42
CA VAL A 77 2.34 24.11 16.20
C VAL A 77 1.11 23.46 15.57
N LEU A 78 0.32 24.26 14.85
CA LEU A 78 -0.91 23.77 14.25
C LEU A 78 -0.61 22.96 13.00
N ASP A 79 -1.25 21.80 12.87
CA ASP A 79 -1.07 20.93 11.71
C ASP A 79 -1.98 21.45 10.61
N ALA A 80 -1.51 22.51 9.94
CA ALA A 80 -2.34 23.19 8.96
C ALA A 80 -2.65 22.34 7.75
N MET A 81 -1.84 21.31 7.47
CA MET A 81 -2.03 20.42 6.33
C MET A 81 -2.88 19.21 6.66
N SER A 82 -3.31 19.05 7.91
CA SER A 82 -3.94 17.82 8.40
C SER A 82 -3.09 16.59 8.07
N SER A 83 -1.77 16.75 8.10
CA SER A 83 -0.86 15.66 7.74
C SER A 83 -1.26 15.08 6.38
N TRP A 84 -1.34 15.98 5.41
CA TRP A 84 -1.70 15.70 4.01
C TRP A 84 -3.12 15.13 3.92
N TRP A 85 -4.08 15.93 4.40
CA TRP A 85 -5.52 15.73 4.27
C TRP A 85 -6.06 14.64 5.19
N THR A 86 -5.24 14.02 6.03
CA THR A 86 -5.69 12.80 6.68
C THR A 86 -6.38 13.04 8.03
N ALA A 87 -5.87 13.99 8.81
CA ALA A 87 -6.25 14.12 10.22
C ALA A 87 -7.47 15.02 10.40
N ILE A 88 -8.60 14.60 9.81
CA ILE A 88 -9.78 15.46 9.76
C ILE A 88 -10.36 15.71 11.15
N HIS A 89 -10.32 14.72 12.05
CA HIS A 89 -10.78 14.90 13.43
C HIS A 89 -9.65 15.32 14.35
N GLY A 90 -8.51 15.72 13.81
CA GLY A 90 -7.32 15.92 14.58
C GLY A 90 -6.68 14.62 15.04
N HIS A 91 -5.52 14.73 15.66
CA HIS A 91 -4.75 13.59 16.15
C HIS A 91 -5.22 13.19 17.54
N GLY A 92 -5.13 11.89 17.83
CA GLY A 92 -5.45 11.41 19.17
C GLY A 92 -6.85 11.74 19.62
N HIS A 93 -7.80 11.69 18.71
CA HIS A 93 -9.19 11.91 19.09
C HIS A 93 -9.66 10.76 19.97
N PRO A 94 -10.22 11.03 21.15
CA PRO A 94 -10.53 9.93 22.09
C PRO A 94 -11.45 8.86 21.52
N ALA A 95 -12.40 9.22 20.66
CA ALA A 95 -13.29 8.21 20.10
C ALA A 95 -12.52 7.26 19.17
N LEU A 96 -11.57 7.80 18.40
CA LEU A 96 -10.84 6.97 17.46
C LEU A 96 -9.75 6.16 18.16
N ASP A 97 -9.05 6.77 19.13
CA ASP A 97 -8.15 6.00 19.99
C ASP A 97 -8.88 4.82 20.60
N GLN A 98 -10.06 5.07 21.16
CA GLN A 98 -10.82 4.01 21.82
C GLN A 98 -11.23 2.92 20.84
N ALA A 99 -11.67 3.29 19.64
CA ALA A 99 -12.07 2.27 18.67
C ALA A 99 -10.91 1.38 18.28
N LEU A 100 -9.72 1.97 18.17
CA LEU A 100 -8.53 1.17 17.86
C LEU A 100 -8.18 0.25 19.02
N THR A 101 -8.21 0.77 20.26
CA THR A 101 -7.85 -0.06 21.40
C THR A 101 -8.87 -1.16 21.63
N THR A 102 -10.15 -0.91 21.33
CA THR A 102 -11.19 -1.92 21.48
C THR A 102 -10.96 -3.08 20.53
N GLN A 103 -10.66 -2.78 19.26
CA GLN A 103 -10.41 -3.82 18.28
C GLN A 103 -9.12 -4.58 18.60
N LEU A 104 -8.10 -3.88 19.09
CA LEU A 104 -6.84 -4.52 19.41
C LEU A 104 -7.01 -5.62 20.43
N ARG A 105 -7.97 -5.48 21.35
CA ARG A 105 -8.18 -6.46 22.39
C ARG A 105 -8.91 -7.70 21.92
N VAL A 106 -9.54 -7.67 20.75
CA VAL A 106 -10.29 -8.80 20.25
C VAL A 106 -9.58 -9.48 19.07
N MET A 107 -9.11 -8.69 18.10
CA MET A 107 -8.54 -9.31 16.89
C MET A 107 -7.73 -8.26 16.13
N ASN A 108 -6.40 -8.40 16.13
CA ASN A 108 -5.57 -7.42 15.43
C ASN A 108 -5.72 -7.53 13.92
N HIS A 109 -5.69 -8.74 13.39
CA HIS A 109 -5.68 -8.97 11.95
C HIS A 109 -5.92 -10.45 11.70
N VAL A 110 -6.67 -10.74 10.64
CA VAL A 110 -6.73 -12.09 10.08
C VAL A 110 -6.72 -11.92 8.57
N MET A 111 -6.29 -12.97 7.87
CA MET A 111 -6.31 -12.94 6.41
C MET A 111 -7.74 -12.80 5.89
N PHE A 112 -7.89 -12.09 4.77
CA PHE A 112 -9.21 -11.91 4.18
C PHE A 112 -9.52 -12.98 3.14
N GLY A 113 -8.63 -13.95 2.96
CA GLY A 113 -8.88 -15.07 2.07
C GLY A 113 -9.60 -16.19 2.80
N GLY A 114 -10.89 -16.31 2.54
CA GLY A 114 -11.71 -17.34 3.14
C GLY A 114 -12.35 -16.95 4.45
N LEU A 115 -12.00 -15.79 5.00
CA LEU A 115 -12.51 -15.26 6.26
C LEU A 115 -13.09 -13.86 6.04
N THR A 116 -14.11 -13.53 6.82
CA THR A 116 -14.58 -12.15 6.88
C THR A 116 -14.71 -11.76 8.35
N HIS A 117 -15.01 -10.49 8.61
CA HIS A 117 -15.04 -10.03 10.00
C HIS A 117 -15.91 -8.78 10.10
N GLU A 118 -16.22 -8.43 11.36
CA GLU A 118 -17.17 -7.36 11.64
C GLU A 118 -16.66 -5.98 11.22
N PRO A 119 -15.39 -5.62 11.45
CA PRO A 119 -14.93 -4.30 10.96
C PRO A 119 -15.05 -4.11 9.46
N ALA A 120 -14.68 -5.11 8.66
CA ALA A 120 -14.84 -4.98 7.21
C ALA A 120 -16.30 -4.85 6.82
N ALA A 121 -17.18 -5.61 7.46
CA ALA A 121 -18.59 -5.54 7.12
C ALA A 121 -19.18 -4.20 7.51
N ARG A 122 -18.87 -3.74 8.72
CA ARG A 122 -19.37 -2.44 9.18
C ARG A 122 -18.90 -1.32 8.29
N LEU A 123 -17.61 -1.32 7.92
CA LEU A 123 -17.09 -0.25 7.08
C LEU A 123 -17.67 -0.31 5.67
N ALA A 124 -17.77 -1.51 5.10
CA ALA A 124 -18.32 -1.61 3.75
C ALA A 124 -19.76 -1.12 3.71
N LYS A 125 -20.58 -1.51 4.70
CA LYS A 125 -21.95 -1.02 4.76
C LYS A 125 -21.99 0.50 4.79
N LEU A 126 -21.15 1.12 5.62
CA LEU A 126 -21.12 2.57 5.71
C LEU A 126 -20.73 3.20 4.38
N LEU A 127 -19.66 2.70 3.75
CA LEU A 127 -19.18 3.31 2.52
C LEU A 127 -20.20 3.18 1.39
N VAL A 128 -20.86 2.03 1.26
CA VAL A 128 -21.85 1.94 0.18
C VAL A 128 -23.03 2.87 0.45
N ASP A 129 -23.34 3.12 1.72
CA ASP A 129 -24.51 3.96 2.01
C ASP A 129 -24.23 5.45 1.79
N ILE A 130 -23.00 5.92 2.03
CA ILE A 130 -22.74 7.36 1.98
C ILE A 130 -22.10 7.83 0.68
N THR A 131 -21.65 6.92 -0.19
CA THR A 131 -21.04 7.32 -1.45
C THR A 131 -22.12 7.60 -2.48
N PRO A 132 -21.76 8.22 -3.61
CA PRO A 132 -22.76 8.47 -4.65
C PRO A 132 -23.52 7.21 -5.05
N ALA A 133 -24.77 7.40 -5.44
CA ALA A 133 -25.70 6.29 -5.62
C ALA A 133 -25.17 5.27 -6.63
N GLY A 134 -25.34 3.99 -6.32
CA GLY A 134 -25.02 2.91 -7.22
C GLY A 134 -23.67 2.24 -6.97
N LEU A 135 -22.85 2.77 -6.07
CA LEU A 135 -21.57 2.15 -5.75
C LEU A 135 -21.83 1.12 -4.67
N ASP A 136 -21.89 -0.15 -5.06
CA ASP A 136 -22.45 -1.22 -4.23
C ASP A 136 -21.43 -2.23 -3.73
N THR A 137 -20.20 -2.24 -4.25
CA THR A 137 -19.18 -3.20 -3.84
C THR A 137 -17.91 -2.46 -3.45
N VAL A 138 -17.14 -3.06 -2.53
CA VAL A 138 -16.01 -2.38 -1.90
C VAL A 138 -14.82 -3.33 -1.92
N PHE A 139 -13.70 -2.89 -2.51
CA PHE A 139 -12.43 -3.63 -2.49
C PHE A 139 -11.46 -2.85 -1.63
N PHE A 140 -11.04 -3.42 -0.49
CA PHE A 140 -10.10 -2.71 0.38
C PHE A 140 -8.66 -2.95 -0.04
N SER A 141 -7.83 -1.91 0.08
CA SER A 141 -6.39 -2.05 -0.12
C SER A 141 -5.67 -1.17 0.90
N ASP A 142 -4.33 -1.11 0.80
CA ASP A 142 -3.53 -0.51 1.86
C ASP A 142 -3.02 0.89 1.54
N SER A 143 -3.27 1.44 0.35
CA SER A 143 -2.85 2.81 0.06
C SER A 143 -3.65 3.34 -1.12
N GLY A 144 -3.60 4.66 -1.27
CA GLY A 144 -4.31 5.30 -2.38
C GLY A 144 -3.79 4.84 -3.73
N SER A 145 -2.46 4.73 -3.88
CA SER A 145 -1.92 4.36 -5.18
C SER A 145 -2.38 2.96 -5.57
N VAL A 146 -2.42 2.03 -4.60
CA VAL A 146 -2.94 0.69 -4.89
C VAL A 146 -4.41 0.75 -5.25
N SER A 147 -5.19 1.60 -4.58
CA SER A 147 -6.62 1.64 -4.88
C SER A 147 -6.86 2.14 -6.29
N VAL A 148 -5.98 3.04 -6.77
CA VAL A 148 -6.03 3.51 -8.17
C VAL A 148 -5.69 2.37 -9.14
N GLU A 149 -4.67 1.57 -8.81
CA GLU A 149 -4.34 0.43 -9.65
C GLU A 149 -5.48 -0.58 -9.68
N VAL A 150 -6.17 -0.77 -8.55
CA VAL A 150 -7.33 -1.66 -8.53
C VAL A 150 -8.45 -1.10 -9.40
N ALA A 151 -8.68 0.22 -9.32
CA ALA A 151 -9.70 0.84 -10.17
C ALA A 151 -9.37 0.61 -11.65
N ALA A 152 -8.12 0.83 -12.03
CA ALA A 152 -7.72 0.58 -13.41
C ALA A 152 -7.92 -0.88 -13.79
N LYS A 153 -7.55 -1.80 -12.89
N LYS A 153 -7.58 -1.79 -12.88
CA LYS A 153 -7.74 -3.23 -13.16
CA LYS A 153 -7.73 -3.21 -13.16
C LYS A 153 -9.21 -3.55 -13.34
C LYS A 153 -9.20 -3.59 -13.31
N MET A 154 -10.07 -3.00 -12.48
CA MET A 154 -11.50 -3.19 -12.63
C MET A 154 -11.96 -2.74 -14.02
N ALA A 155 -11.53 -1.54 -14.45
CA ALA A 155 -12.00 -1.04 -15.74
C ALA A 155 -11.48 -1.90 -16.89
N LEU A 156 -10.20 -2.27 -16.86
CA LEU A 156 -9.67 -3.09 -17.95
C LEU A 156 -10.35 -4.45 -17.98
N GLN A 157 -10.55 -5.06 -16.81
CA GLN A 157 -11.15 -6.39 -16.78
C GLN A 157 -12.62 -6.34 -17.16
N TYR A 158 -13.30 -5.23 -16.84
CA TYR A 158 -14.67 -5.01 -17.28
C TYR A 158 -14.79 -5.14 -18.79
N TRP A 159 -13.94 -4.43 -19.55
CA TRP A 159 -14.06 -4.48 -21.01
C TRP A 159 -13.57 -5.81 -21.55
N ARG A 160 -12.62 -6.47 -20.89
CA ARG A 160 -12.31 -7.85 -21.24
C ARG A 160 -13.53 -8.74 -21.02
N GLY A 161 -14.30 -8.48 -19.97
CA GLY A 161 -15.56 -9.20 -19.75
C GLY A 161 -16.62 -8.92 -20.79
N ARG A 162 -16.54 -7.79 -21.48
CA ARG A 162 -17.44 -7.46 -22.59
C ARG A 162 -16.88 -7.86 -23.95
N GLY A 163 -15.77 -8.59 -23.99
CA GLY A 163 -15.20 -8.99 -25.26
C GLY A 163 -14.50 -7.90 -26.03
N LEU A 164 -14.10 -6.80 -25.36
CA LEU A 164 -13.43 -5.66 -26.00
C LEU A 164 -12.10 -5.37 -25.32
N PRO A 165 -11.13 -6.29 -25.42
CA PRO A 165 -9.84 -6.07 -24.75
C PRO A 165 -8.99 -4.94 -25.35
N GLY A 166 -9.39 -4.38 -26.50
CA GLY A 166 -8.70 -3.21 -27.01
C GLY A 166 -8.96 -1.95 -26.19
N LYS A 167 -10.00 -1.96 -25.36
CA LYS A 167 -10.33 -0.83 -24.48
C LYS A 167 -9.46 -0.95 -23.23
N ARG A 168 -8.24 -0.42 -23.32
CA ARG A 168 -7.24 -0.62 -22.28
C ARG A 168 -6.45 0.62 -21.92
N ARG A 169 -6.67 1.74 -22.59
CA ARG A 169 -6.01 3.00 -22.24
C ARG A 169 -6.89 3.79 -21.30
N LEU A 170 -6.26 4.74 -20.60
CA LEU A 170 -6.93 5.68 -19.71
C LEU A 170 -6.86 7.09 -20.28
N MET A 171 -7.89 7.87 -20.01
CA MET A 171 -7.89 9.28 -20.37
C MET A 171 -8.07 10.13 -19.12
N THR A 172 -7.36 11.25 -19.07
CA THR A 172 -7.57 12.19 -17.97
C THR A 172 -7.34 13.58 -18.52
N TRP A 173 -7.53 14.58 -17.66
CA TRP A 173 -7.14 15.94 -17.98
C TRP A 173 -5.88 16.30 -17.21
N ARG A 174 -5.15 17.27 -17.74
CA ARG A 174 -3.89 17.66 -17.13
C ARG A 174 -4.12 18.28 -15.75
N GLY A 175 -3.03 18.36 -14.98
CA GLY A 175 -3.05 18.90 -13.64
C GLY A 175 -3.37 17.90 -12.56
N GLY A 176 -3.46 16.59 -12.89
CA GLY A 176 -3.90 15.58 -11.94
C GLY A 176 -2.74 14.91 -11.19
N TYR A 177 -3.11 14.23 -10.12
CA TYR A 177 -2.19 13.36 -9.38
C TYR A 177 -3.00 12.19 -8.85
N HIS A 178 -2.51 10.97 -9.08
CA HIS A 178 -3.24 9.77 -8.67
C HIS A 178 -2.35 8.76 -7.96
N GLY A 179 -1.17 9.18 -7.49
CA GLY A 179 -0.25 8.28 -6.80
C GLY A 179 1.00 8.03 -7.62
N ASP A 180 1.90 7.20 -7.07
CA ASP A 180 3.21 7.09 -7.70
C ASP A 180 3.66 5.64 -7.92
N THR A 181 2.77 4.67 -7.85
CA THR A 181 3.09 3.41 -8.51
C THR A 181 3.05 3.64 -10.02
N PHE A 182 3.63 2.71 -10.78
CA PHE A 182 3.92 3.00 -12.18
C PHE A 182 2.66 3.19 -13.03
N LEU A 183 1.57 2.46 -12.74
CA LEU A 183 0.34 2.75 -13.49
C LEU A 183 -0.28 4.06 -13.04
N ALA A 184 -0.29 4.34 -11.73
CA ALA A 184 -0.78 5.63 -11.27
C ALA A 184 0.04 6.78 -11.87
N MET A 185 1.36 6.61 -11.98
CA MET A 185 2.19 7.65 -12.58
C MET A 185 1.75 7.98 -14.00
N SER A 186 1.24 6.98 -14.74
CA SER A 186 0.94 7.20 -16.15
C SER A 186 -0.23 8.17 -16.35
N ILE A 187 -1.05 8.42 -15.33
CA ILE A 187 -2.13 9.39 -15.44
C ILE A 187 -1.86 10.64 -14.62
N CYS A 188 -0.68 10.75 -14.04
N CYS A 188 -0.69 10.75 -14.01
CA CYS A 188 -0.23 11.97 -13.41
CA CYS A 188 -0.38 11.99 -13.33
C CYS A 188 -0.03 13.04 -14.48
C CYS A 188 0.09 13.02 -14.37
N ASP A 189 -0.16 14.29 -14.07
CA ASP A 189 0.20 15.39 -14.94
C ASP A 189 1.63 15.21 -15.43
N PRO A 190 1.90 15.33 -16.72
CA PRO A 190 3.26 15.06 -17.20
C PRO A 190 4.33 15.96 -16.58
N HIS A 191 4.00 17.19 -16.20
CA HIS A 191 5.01 18.05 -15.58
C HIS A 191 5.11 17.81 -14.07
N GLY A 192 3.96 17.80 -13.38
CA GLY A 192 3.98 17.50 -11.96
C GLY A 192 4.62 16.16 -11.66
N GLY A 193 4.40 15.19 -12.55
CA GLY A 193 4.95 13.86 -12.40
C GLY A 193 6.29 13.62 -13.04
N MET A 194 6.91 14.67 -13.59
CA MET A 194 8.25 14.62 -14.21
C MET A 194 8.40 13.42 -15.14
N HIS A 195 7.49 13.36 -16.11
CA HIS A 195 7.51 12.26 -17.05
C HIS A 195 8.74 12.31 -17.96
N SER A 196 9.41 13.46 -18.04
CA SER A 196 10.65 13.55 -18.83
C SER A 196 11.73 12.65 -18.26
N LEU A 197 11.65 12.30 -16.97
CA LEU A 197 12.56 11.37 -16.34
C LEU A 197 12.22 9.92 -16.66
N TRP A 198 11.05 9.65 -17.23
CA TRP A 198 10.53 8.30 -17.39
C TRP A 198 10.24 7.97 -18.85
N THR A 199 10.98 8.59 -19.77
CA THR A 199 10.77 8.34 -21.18
C THR A 199 10.99 6.87 -21.50
N ASP A 200 9.98 6.27 -22.16
CA ASP A 200 9.93 4.87 -22.59
C ASP A 200 9.65 3.90 -21.44
N VAL A 201 9.22 4.39 -20.27
CA VAL A 201 8.91 3.53 -19.14
C VAL A 201 7.41 3.46 -18.86
N LEU A 202 6.71 4.60 -18.95
CA LEU A 202 5.33 4.67 -18.52
C LEU A 202 4.38 4.30 -19.66
N ALA A 203 3.24 3.71 -19.31
CA ALA A 203 2.14 3.59 -20.25
C ALA A 203 1.76 4.97 -20.76
N ALA A 204 1.54 5.06 -22.09
CA ALA A 204 1.20 6.33 -22.73
C ALA A 204 -0.32 6.50 -22.75
N GLN A 205 -0.83 7.40 -21.91
CA GLN A 205 -2.27 7.60 -21.78
C GLN A 205 -2.69 8.84 -22.56
N VAL A 206 -3.99 9.12 -22.55
CA VAL A 206 -4.58 10.23 -23.29
C VAL A 206 -4.80 11.39 -22.34
N PHE A 207 -4.24 12.56 -22.65
CA PHE A 207 -4.39 13.74 -21.81
C PHE A 207 -5.14 14.82 -22.55
N ALA A 208 -6.25 15.27 -21.97
CA ALA A 208 -6.92 16.51 -22.33
C ALA A 208 -6.23 17.69 -21.67
N PRO A 209 -6.46 18.91 -22.18
CA PRO A 209 -5.84 20.09 -21.54
C PRO A 209 -6.35 20.28 -20.12
N GLN A 210 -5.59 21.09 -19.37
CA GLN A 210 -5.98 21.48 -18.02
C GLN A 210 -7.43 21.94 -17.96
N VAL A 211 -8.19 21.36 -17.04
CA VAL A 211 -9.60 21.79 -16.92
C VAL A 211 -9.64 23.18 -16.29
N PRO A 212 -10.40 24.11 -16.85
CA PRO A 212 -10.42 25.50 -16.31
C PRO A 212 -11.23 25.61 -15.03
N ARG A 213 -11.01 26.72 -14.32
CA ARG A 213 -11.81 26.99 -13.13
C ARG A 213 -13.28 27.24 -13.48
N ASP A 214 -13.53 28.22 -14.35
CA ASP A 214 -14.91 28.59 -14.67
C ASP A 214 -15.45 27.69 -15.76
N TYR A 215 -16.76 27.46 -15.70
CA TYR A 215 -17.39 26.54 -16.63
C TYR A 215 -17.44 27.14 -18.04
N ASP A 216 -16.98 26.38 -19.01
CA ASP A 216 -16.98 26.71 -20.42
C ASP A 216 -17.39 25.46 -21.19
N PRO A 217 -18.57 25.45 -21.80
CA PRO A 217 -18.99 24.26 -22.57
C PRO A 217 -18.05 23.93 -23.72
N ALA A 218 -17.28 24.91 -24.21
CA ALA A 218 -16.31 24.64 -25.27
C ALA A 218 -15.25 23.68 -24.79
N TYR A 219 -14.90 23.76 -23.50
CA TYR A 219 -13.91 22.83 -22.97
C TYR A 219 -14.43 21.40 -23.03
N SER A 220 -15.69 21.19 -22.62
CA SER A 220 -16.28 19.85 -22.62
C SER A 220 -16.48 19.36 -24.03
N ALA A 221 -16.87 20.24 -24.95
CA ALA A 221 -17.00 19.81 -26.35
C ALA A 221 -15.66 19.36 -26.91
N ALA A 222 -14.58 20.03 -26.53
CA ALA A 222 -13.25 19.62 -26.98
C ALA A 222 -12.82 18.31 -26.33
N PHE A 223 -13.11 18.16 -25.05
CA PHE A 223 -12.86 16.88 -24.37
C PHE A 223 -13.61 15.74 -25.05
N GLU A 224 -14.88 15.98 -25.40
CA GLU A 224 -15.68 14.93 -26.03
C GLU A 224 -15.12 14.56 -27.40
N ALA A 225 -14.73 15.56 -28.20
CA ALA A 225 -14.15 15.27 -29.51
C ALA A 225 -12.86 14.45 -29.39
N GLN A 226 -12.03 14.76 -28.39
CA GLN A 226 -10.80 13.99 -28.21
C GLN A 226 -11.09 12.58 -27.72
N LEU A 227 -12.01 12.43 -26.78
CA LEU A 227 -12.38 11.09 -26.34
C LEU A 227 -12.97 10.29 -27.49
N ALA A 228 -13.86 10.91 -28.27
CA ALA A 228 -14.51 10.21 -29.38
C ALA A 228 -13.51 9.56 -30.31
N GLN A 229 -12.40 10.27 -30.55
CA GLN A 229 -11.32 9.75 -31.39
C GLN A 229 -10.73 8.47 -30.81
N HIS A 230 -10.66 8.37 -29.49
CA HIS A 230 -9.97 7.28 -28.80
C HIS A 230 -10.92 6.29 -28.15
N ALA A 231 -12.24 6.46 -28.35
CA ALA A 231 -13.19 5.72 -27.52
C ALA A 231 -12.98 4.21 -27.62
N GLY A 232 -12.65 3.71 -28.81
CA GLY A 232 -12.43 2.28 -29.00
C GLY A 232 -11.18 1.74 -28.35
N GLU A 233 -10.28 2.62 -27.91
CA GLU A 233 -9.04 2.32 -27.19
C GLU A 233 -9.15 2.54 -25.69
N LEU A 234 -10.22 3.17 -25.21
CA LEU A 234 -10.25 3.72 -23.85
C LEU A 234 -11.10 2.84 -22.94
N ALA A 235 -10.51 2.44 -21.82
CA ALA A 235 -11.29 1.75 -20.80
C ALA A 235 -12.04 2.74 -19.91
N ALA A 236 -11.41 3.87 -19.59
CA ALA A 236 -12.01 4.76 -18.60
C ALA A 236 -11.40 6.15 -18.69
N VAL A 237 -12.19 7.13 -18.24
CA VAL A 237 -11.70 8.44 -17.85
C VAL A 237 -11.49 8.44 -16.34
N VAL A 238 -10.34 8.94 -15.89
CA VAL A 238 -10.01 8.99 -14.47
C VAL A 238 -9.69 10.44 -14.13
N VAL A 239 -10.42 11.02 -13.17
CA VAL A 239 -10.19 12.41 -12.77
C VAL A 239 -10.39 12.54 -11.27
N GLU A 240 -9.78 13.58 -10.70
CA GLU A 240 -10.15 14.04 -9.37
C GLU A 240 -11.31 15.02 -9.49
N PRO A 241 -12.42 14.79 -8.79
CA PRO A 241 -13.59 15.68 -8.92
C PRO A 241 -13.47 16.97 -8.13
N VAL A 242 -13.71 18.10 -8.81
CA VAL A 242 -13.79 19.45 -8.24
C VAL A 242 -12.43 20.02 -7.79
N VAL A 243 -11.63 19.25 -7.05
CA VAL A 243 -10.35 19.74 -6.54
C VAL A 243 -9.25 18.79 -7.00
N GLN A 244 -8.25 19.36 -7.68
CA GLN A 244 -7.02 18.66 -8.02
C GLN A 244 -5.98 19.02 -6.97
N GLY A 245 -5.54 18.03 -6.19
CA GLY A 245 -4.75 18.33 -5.00
C GLY A 245 -3.27 18.42 -5.24
N ALA A 246 -2.58 17.28 -5.24
CA ALA A 246 -1.13 17.27 -5.25
C ALA A 246 -0.56 17.79 -6.57
N GLY A 247 -1.35 17.84 -7.63
CA GLY A 247 -0.89 18.38 -8.89
C GLY A 247 -1.01 19.88 -9.04
N GLY A 248 -1.49 20.60 -8.02
CA GLY A 248 -1.54 22.05 -8.13
C GLY A 248 -2.61 22.79 -7.35
N MET A 249 -3.37 22.09 -6.50
CA MET A 249 -4.42 22.70 -5.68
C MET A 249 -5.33 23.62 -6.50
N ARG A 250 -5.80 23.11 -7.63
CA ARG A 250 -6.70 23.84 -8.53
C ARG A 250 -8.14 23.36 -8.37
N PHE A 251 -9.09 24.29 -8.51
CA PHE A 251 -10.51 23.97 -8.42
C PHE A 251 -11.17 24.15 -9.80
N HIS A 252 -12.19 23.34 -10.08
CA HIS A 252 -12.94 23.49 -11.33
C HIS A 252 -14.43 23.36 -11.06
N ASP A 253 -15.22 23.97 -11.94
CA ASP A 253 -16.66 23.98 -11.76
C ASP A 253 -17.20 22.55 -11.75
N PRO A 254 -18.05 22.19 -10.79
CA PRO A 254 -18.60 20.84 -10.77
C PRO A 254 -19.36 20.47 -12.03
N ARG A 255 -19.86 21.45 -12.80
CA ARG A 255 -20.61 21.11 -13.99
C ARG A 255 -19.77 20.30 -14.98
N TYR A 256 -18.43 20.44 -14.94
CA TYR A 256 -17.58 19.63 -15.82
C TYR A 256 -17.71 18.15 -15.53
N LEU A 257 -17.94 17.78 -14.27
CA LEU A 257 -18.17 16.38 -13.94
C LEU A 257 -19.49 15.89 -14.50
N HIS A 258 -20.51 16.76 -14.53
CA HIS A 258 -21.76 16.39 -15.17
C HIS A 258 -21.52 16.09 -16.65
N ASP A 259 -20.70 16.90 -17.31
CA ASP A 259 -20.38 16.65 -18.71
C ASP A 259 -19.62 15.34 -18.89
N LEU A 260 -18.63 15.07 -18.03
CA LEU A 260 -17.89 13.82 -18.13
C LEU A 260 -18.82 12.61 -18.02
N ARG A 261 -19.72 12.63 -17.03
CA ARG A 261 -20.65 11.52 -16.88
C ARG A 261 -21.43 11.29 -18.16
N ASP A 262 -21.84 12.38 -18.81
CA ASP A 262 -22.63 12.26 -20.04
C ASP A 262 -21.78 11.76 -21.20
N ILE A 263 -20.59 12.36 -21.41
CA ILE A 263 -19.69 11.92 -22.46
C ILE A 263 -19.37 10.43 -22.32
N CYS A 264 -19.07 9.99 -21.08
CA CYS A 264 -18.70 8.60 -20.86
C CYS A 264 -19.87 7.66 -21.13
N ARG A 265 -21.07 8.05 -20.69
CA ARG A 265 -22.25 7.26 -20.98
C ARG A 265 -22.44 7.10 -22.48
N ARG A 266 -22.36 8.19 -23.23
CA ARG A 266 -22.69 8.14 -24.66
C ARG A 266 -21.63 7.41 -25.47
N TYR A 267 -20.36 7.47 -25.07
CA TYR A 267 -19.29 6.84 -25.83
C TYR A 267 -18.84 5.51 -25.25
N GLU A 268 -19.52 5.00 -24.22
CA GLU A 268 -19.24 3.68 -23.64
C GLU A 268 -17.79 3.60 -23.13
N VAL A 269 -17.47 4.53 -22.25
CA VAL A 269 -16.20 4.56 -21.52
C VAL A 269 -16.56 4.68 -20.04
N LEU A 270 -15.86 3.93 -19.18
CA LEU A 270 -16.17 4.03 -17.75
C LEU A 270 -15.64 5.34 -17.17
N LEU A 271 -16.27 5.80 -16.10
CA LEU A 271 -15.88 7.01 -15.40
C LEU A 271 -15.39 6.64 -14.01
N ILE A 272 -14.15 7.03 -13.69
CA ILE A 272 -13.54 6.75 -12.39
C ILE A 272 -13.28 8.10 -11.70
N PHE A 273 -13.83 8.27 -10.50
CA PHE A 273 -13.53 9.44 -9.68
C PHE A 273 -12.53 9.05 -8.60
N ASP A 274 -11.42 9.75 -8.55
CA ASP A 274 -10.43 9.55 -7.51
C ASP A 274 -10.74 10.57 -6.42
N GLU A 275 -11.41 10.12 -5.34
CA GLU A 275 -11.75 10.99 -4.21
C GLU A 275 -10.85 10.75 -3.01
N ILE A 276 -9.63 10.29 -3.25
CA ILE A 276 -8.71 10.02 -2.15
C ILE A 276 -8.41 11.28 -1.34
N ALA A 277 -8.36 12.45 -2.00
CA ALA A 277 -8.16 13.70 -1.28
C ALA A 277 -9.46 14.46 -1.02
N THR A 278 -10.48 14.33 -1.87
CA THR A 278 -11.70 15.11 -1.75
C THR A 278 -12.75 14.49 -0.84
N GLY A 279 -12.58 13.24 -0.40
CA GLY A 279 -13.66 12.55 0.26
C GLY A 279 -13.92 13.06 1.67
N PHE A 280 -15.02 12.56 2.26
CA PHE A 280 -15.36 12.76 3.67
C PHE A 280 -15.48 14.24 4.06
N GLY A 281 -16.18 15.00 3.22
CA GLY A 281 -16.62 16.34 3.58
C GLY A 281 -15.69 17.48 3.23
N ARG A 282 -14.49 17.21 2.73
CA ARG A 282 -13.45 18.23 2.69
C ARG A 282 -13.80 19.42 1.80
N THR A 283 -14.52 19.19 0.70
CA THR A 283 -14.88 20.27 -0.23
C THR A 283 -16.24 20.91 0.07
N GLY A 284 -16.89 20.55 1.17
CA GLY A 284 -18.21 21.07 1.50
C GLY A 284 -19.36 20.15 1.15
N ALA A 285 -19.08 19.05 0.47
CA ALA A 285 -20.04 17.98 0.27
C ALA A 285 -19.40 16.70 0.79
N LEU A 286 -20.21 15.68 1.05
CA LEU A 286 -19.65 14.46 1.63
C LEU A 286 -18.59 13.87 0.70
N PHE A 287 -18.92 13.80 -0.58
CA PHE A 287 -17.95 13.53 -1.63
C PHE A 287 -18.09 14.58 -2.70
N ALA A 288 -16.96 14.96 -3.32
CA ALA A 288 -17.00 16.09 -4.26
C ALA A 288 -17.92 15.81 -5.44
N ALA A 289 -18.12 14.54 -5.81
CA ALA A 289 -19.06 14.20 -6.88
C ALA A 289 -20.46 14.70 -6.57
N ASP A 290 -20.80 14.80 -5.28
CA ASP A 290 -22.13 15.25 -4.90
C ASP A 290 -22.40 16.69 -5.33
N HIS A 291 -21.35 17.50 -5.46
CA HIS A 291 -21.52 18.87 -5.97
C HIS A 291 -22.15 18.87 -7.36
N ALA A 292 -21.84 17.87 -8.17
CA ALA A 292 -22.38 17.74 -9.52
C ALA A 292 -23.57 16.80 -9.58
N GLY A 293 -23.87 16.07 -8.51
CA GLY A 293 -24.98 15.15 -8.51
C GLY A 293 -24.83 13.99 -9.46
N VAL A 294 -23.59 13.56 -9.73
CA VAL A 294 -23.38 12.42 -10.61
C VAL A 294 -22.64 11.32 -9.85
N SER A 295 -22.75 10.11 -10.38
CA SER A 295 -22.09 8.93 -9.83
C SER A 295 -21.09 8.39 -10.84
N PRO A 296 -19.86 8.10 -10.43
CA PRO A 296 -18.93 7.38 -11.31
C PRO A 296 -19.26 5.89 -11.33
N ASP A 297 -18.60 5.18 -12.25
CA ASP A 297 -18.74 3.73 -12.27
C ASP A 297 -17.83 3.10 -11.24
N ILE A 298 -16.71 3.76 -10.96
CA ILE A 298 -15.70 3.30 -10.03
C ILE A 298 -15.22 4.52 -9.24
N MET A 299 -14.97 4.33 -7.93
CA MET A 299 -14.54 5.43 -7.07
C MET A 299 -13.45 4.97 -6.12
N CYS A 300 -12.43 5.80 -5.92
CA CYS A 300 -11.36 5.53 -4.97
C CYS A 300 -11.46 6.46 -3.77
N VAL A 301 -11.22 5.92 -2.58
CA VAL A 301 -11.14 6.72 -1.36
C VAL A 301 -9.93 6.28 -0.54
N GLY A 302 -9.46 7.17 0.33
CA GLY A 302 -8.29 6.92 1.15
C GLY A 302 -8.08 8.06 2.12
N LYS A 303 -6.82 8.35 2.47
CA LYS A 303 -6.44 9.49 3.32
C LYS A 303 -7.36 9.63 4.54
N ALA A 304 -8.38 10.49 4.46
CA ALA A 304 -9.18 10.77 5.66
C ALA A 304 -10.06 9.60 6.07
N LEU A 305 -10.09 8.54 5.25
CA LEU A 305 -10.89 7.36 5.55
C LEU A 305 -10.66 6.84 6.98
N THR A 306 -9.40 6.78 7.41
CA THR A 306 -9.06 6.29 8.75
C THR A 306 -8.95 7.40 9.77
N GLY A 307 -9.37 8.61 9.41
CA GLY A 307 -9.08 9.75 10.27
C GLY A 307 -7.61 10.03 10.40
N GLY A 308 -6.79 9.47 9.51
CA GLY A 308 -5.37 9.73 9.55
C GLY A 308 -4.58 8.88 10.52
N TYR A 309 -5.15 7.79 11.04
CA TYR A 309 -4.44 6.94 11.98
C TYR A 309 -3.53 5.94 11.27
N LEU A 310 -4.02 5.33 10.20
CA LEU A 310 -3.37 4.21 9.55
C LEU A 310 -3.66 4.29 8.05
N SER A 311 -2.81 3.65 7.26
CA SER A 311 -3.04 3.61 5.81
C SER A 311 -4.11 2.58 5.48
N LEU A 312 -5.21 3.05 4.91
CA LEU A 312 -6.26 2.19 4.36
C LEU A 312 -6.82 2.92 3.16
N ALA A 313 -7.25 2.16 2.16
CA ALA A 313 -7.92 2.77 1.02
C ALA A 313 -9.00 1.81 0.54
N ALA A 314 -9.89 2.30 -0.32
CA ALA A 314 -10.90 1.40 -0.86
C ALA A 314 -11.24 1.82 -2.28
N THR A 315 -11.65 0.84 -3.07
CA THR A 315 -12.15 1.08 -4.42
C THR A 315 -13.56 0.52 -4.50
N LEU A 316 -14.51 1.37 -4.88
CA LEU A 316 -15.91 0.96 -5.00
C LEU A 316 -16.28 0.92 -6.47
N CYS A 317 -17.22 0.04 -6.79
CA CYS A 317 -17.74 0.00 -8.16
C CYS A 317 -19.20 -0.40 -8.12
N THR A 318 -19.85 -0.18 -9.26
CA THR A 318 -21.26 -0.51 -9.39
C THR A 318 -21.45 -2.02 -9.50
N ALA A 319 -22.69 -2.44 -9.27
CA ALA A 319 -23.03 -3.84 -9.49
C ALA A 319 -22.78 -4.25 -10.93
N ASP A 320 -23.08 -3.37 -11.90
CA ASP A 320 -22.80 -3.70 -13.29
C ASP A 320 -21.32 -3.99 -13.50
N VAL A 321 -20.45 -3.13 -12.97
CA VAL A 321 -19.01 -3.38 -13.14
C VAL A 321 -18.63 -4.70 -12.48
N ALA A 322 -19.07 -4.91 -11.24
CA ALA A 322 -18.71 -6.12 -10.50
C ALA A 322 -19.21 -7.38 -11.20
N HIS A 323 -20.44 -7.36 -11.70
CA HIS A 323 -20.99 -8.55 -12.35
C HIS A 323 -20.31 -8.82 -13.69
N THR A 324 -20.02 -7.77 -14.45
CA THR A 324 -19.37 -7.95 -15.74
C THR A 324 -17.98 -8.55 -15.58
N ILE A 325 -17.22 -8.07 -14.59
CA ILE A 325 -15.95 -8.71 -14.26
C ILE A 325 -16.17 -10.18 -13.93
N SER A 326 -17.15 -10.47 -13.07
CA SER A 326 -17.26 -11.82 -12.52
C SER A 326 -17.78 -12.83 -13.54
N ALA A 327 -18.41 -12.37 -14.62
CA ALA A 327 -18.92 -13.26 -15.65
C ALA A 327 -17.92 -13.47 -16.80
N GLY A 328 -16.87 -12.66 -16.85
CA GLY A 328 -15.87 -12.82 -17.89
C GLY A 328 -15.10 -14.12 -17.72
N ALA A 329 -14.28 -14.40 -18.74
CA ALA A 329 -13.47 -15.62 -18.74
C ALA A 329 -12.55 -15.69 -17.53
N ALA A 330 -12.05 -14.54 -17.07
CA ALA A 330 -11.22 -14.54 -15.87
C ALA A 330 -12.01 -14.98 -14.64
N GLY A 331 -13.27 -14.54 -14.54
CA GLY A 331 -14.12 -14.92 -13.44
C GLY A 331 -13.74 -14.39 -12.07
N ALA A 332 -12.67 -13.62 -11.97
CA ALA A 332 -12.25 -13.08 -10.68
C ALA A 332 -11.40 -11.84 -10.93
N LEU A 333 -11.54 -10.85 -10.05
CA LEU A 333 -10.64 -9.71 -10.03
C LEU A 333 -9.33 -10.17 -9.40
N MET A 334 -8.24 -10.19 -10.17
CA MET A 334 -7.00 -10.81 -9.73
C MET A 334 -6.15 -9.79 -8.97
N HIS A 335 -6.63 -9.47 -7.76
CA HIS A 335 -5.93 -8.58 -6.84
C HIS A 335 -6.24 -9.05 -5.43
N GLY A 336 -5.28 -8.91 -4.53
CA GLY A 336 -5.51 -9.32 -3.16
C GLY A 336 -4.30 -9.10 -2.26
N PRO A 337 -4.19 -7.89 -1.73
CA PRO A 337 -3.04 -7.55 -0.87
C PRO A 337 -3.05 -8.35 0.43
N THR A 338 -1.84 -8.61 0.93
CA THR A 338 -1.67 -9.39 2.16
C THR A 338 -2.56 -8.89 3.28
N PHE A 339 -2.52 -7.58 3.56
CA PHE A 339 -3.27 -6.99 4.67
C PHE A 339 -4.62 -6.44 4.25
N MET A 340 -5.21 -6.96 3.18
CA MET A 340 -6.54 -6.56 2.73
C MET A 340 -7.55 -6.55 3.90
N ALA A 341 -8.22 -5.41 4.05
CA ALA A 341 -9.33 -5.26 5.00
C ALA A 341 -8.89 -5.49 6.45
N ASN A 342 -7.65 -5.08 6.77
CA ASN A 342 -7.06 -5.12 8.12
C ASN A 342 -8.07 -4.68 9.17
N PRO A 343 -8.41 -5.56 10.13
CA PRO A 343 -9.39 -5.19 11.16
C PRO A 343 -9.08 -3.90 11.92
N LEU A 344 -7.81 -3.67 12.29
CA LEU A 344 -7.50 -2.45 13.03
C LEU A 344 -7.79 -1.21 12.19
N ALA A 345 -7.38 -1.23 10.92
CA ALA A 345 -7.61 -0.06 10.06
C ALA A 345 -9.10 0.13 9.79
N CYS A 346 -9.83 -0.96 9.57
CA CYS A 346 -11.26 -0.82 9.31
C CYS A 346 -11.99 -0.32 10.55
N ALA A 347 -11.56 -0.78 11.74
CA ALA A 347 -12.24 -0.40 12.97
C ALA A 347 -12.11 1.10 13.24
N VAL A 348 -10.89 1.64 13.14
CA VAL A 348 -10.73 3.08 13.35
C VAL A 348 -11.43 3.86 12.24
N SER A 349 -11.51 3.31 11.03
CA SER A 349 -12.22 4.00 9.96
CA SER A 349 -12.22 4.00 9.96
C SER A 349 -13.72 4.05 10.24
N VAL A 350 -14.30 2.96 10.75
CA VAL A 350 -15.71 2.98 11.08
C VAL A 350 -16.00 4.10 12.07
N ALA A 351 -15.15 4.20 13.10
CA ALA A 351 -15.31 5.24 14.12
C ALA A 351 -15.16 6.63 13.53
N SER A 352 -14.15 6.81 12.66
CA SER A 352 -13.94 8.11 12.03
C SER A 352 -15.13 8.51 11.17
N VAL A 353 -15.66 7.57 10.39
CA VAL A 353 -16.81 7.88 9.55
C VAL A 353 -18.03 8.20 10.40
N GLU A 354 -18.33 7.34 11.36
CA GLU A 354 -19.49 7.56 12.23
C GLU A 354 -19.37 8.88 13.00
N LEU A 355 -18.16 9.24 13.41
CA LEU A 355 -17.94 10.50 14.11
C LEU A 355 -18.23 11.70 13.20
N LEU A 356 -17.88 11.58 11.92
CA LEU A 356 -18.21 12.66 10.98
C LEU A 356 -19.71 12.74 10.73
N LEU A 357 -20.36 11.59 10.52
CA LEU A 357 -21.79 11.59 10.18
C LEU A 357 -22.67 11.93 11.38
N GLY A 358 -22.17 11.76 12.59
CA GLY A 358 -22.93 12.03 13.79
C GLY A 358 -22.92 13.46 14.26
N GLN A 359 -22.24 14.35 13.55
CA GLN A 359 -22.22 15.78 13.83
C GLN A 359 -22.76 16.53 12.62
N ASP A 360 -22.95 17.84 12.78
CA ASP A 360 -23.34 18.70 11.67
C ASP A 360 -22.07 19.11 10.91
N TRP A 361 -21.52 18.15 10.16
CA TRP A 361 -20.26 18.40 9.46
C TRP A 361 -20.42 19.48 8.39
N ARG A 362 -21.60 19.60 7.79
CA ARG A 362 -21.77 20.55 6.69
C ARG A 362 -21.66 21.98 7.20
N THR A 363 -22.27 22.27 8.35
CA THR A 363 -22.09 23.58 8.98
C THR A 363 -20.63 23.80 9.35
N ARG A 364 -19.98 22.78 9.91
CA ARG A 364 -18.58 22.90 10.32
C ARG A 364 -17.69 23.32 9.15
N ILE A 365 -17.85 22.65 8.00
CA ILE A 365 -17.03 22.99 6.84
C ILE A 365 -17.35 24.38 6.34
N THR A 366 -18.63 24.78 6.39
CA THR A 366 -18.99 26.12 5.95
C THR A 366 -18.31 27.19 6.79
N GLU A 367 -18.30 26.99 8.12
CA GLU A 367 -17.60 27.92 9.01
C GLU A 367 -16.10 27.94 8.74
N LEU A 368 -15.50 26.77 8.48
CA LEU A 368 -14.08 26.72 8.16
C LEU A 368 -13.77 27.48 6.88
N ALA A 369 -14.59 27.30 5.85
CA ALA A 369 -14.39 28.01 4.59
C ALA A 369 -14.51 29.52 4.78
N ALA A 370 -15.51 29.96 5.55
CA ALA A 370 -15.67 31.38 5.84
C ALA A 370 -14.46 31.92 6.60
N GLY A 371 -13.95 31.15 7.56
CA GLY A 371 -12.77 31.59 8.29
C GLY A 371 -11.54 31.66 7.40
N LEU A 372 -11.37 30.68 6.51
CA LEU A 372 -10.26 30.73 5.55
C LEU A 372 -10.38 31.94 4.63
N THR A 373 -11.59 32.19 4.11
CA THR A 373 -11.79 33.31 3.20
C THR A 373 -11.48 34.63 3.90
N ALA A 374 -12.01 34.81 5.11
CA ALA A 374 -11.75 36.03 5.88
C ALA A 374 -10.26 36.19 6.17
N GLY A 375 -9.59 35.11 6.57
CA GLY A 375 -8.19 35.22 6.94
C GLY A 375 -7.24 35.37 5.78
N LEU A 376 -7.60 34.87 4.61
CA LEU A 376 -6.70 34.94 3.46
C LEU A 376 -6.95 36.17 2.60
N ASP A 377 -7.99 36.94 2.90
CA ASP A 377 -8.38 38.02 2.00
C ASP A 377 -7.28 39.06 1.83
N THR A 378 -6.57 39.39 2.91
CA THR A 378 -5.54 40.41 2.80
C THR A 378 -4.36 39.97 1.95
N ALA A 379 -4.24 38.68 1.65
CA ALA A 379 -3.18 38.23 0.75
C ALA A 379 -3.46 38.64 -0.69
N ARG A 380 -4.73 38.88 -1.04
CA ARG A 380 -5.09 39.18 -2.42
C ARG A 380 -4.35 40.42 -2.93
N ALA A 381 -4.01 41.35 -2.04
CA ALA A 381 -3.36 42.60 -2.39
C ALA A 381 -1.84 42.54 -2.37
N LEU A 382 -1.26 41.40 -2.00
CA LEU A 382 0.19 41.29 -1.90
C LEU A 382 0.83 41.33 -3.29
N PRO A 383 2.10 41.76 -3.38
CA PRO A 383 2.71 41.92 -4.71
C PRO A 383 2.86 40.63 -5.49
N ALA A 384 3.30 39.55 -4.84
CA ALA A 384 3.64 38.31 -5.51
C ALA A 384 2.48 37.33 -5.58
N VAL A 385 1.28 37.73 -5.18
CA VAL A 385 0.13 36.83 -5.14
C VAL A 385 -0.64 36.94 -6.44
N THR A 386 -0.83 35.81 -7.12
CA THR A 386 -1.61 35.76 -8.35
C THR A 386 -3.05 35.32 -8.13
N ASP A 387 -3.32 34.55 -7.07
CA ASP A 387 -4.70 34.15 -6.78
C ASP A 387 -4.82 33.74 -5.32
N VAL A 388 -6.01 33.91 -4.77
CA VAL A 388 -6.42 33.35 -3.49
C VAL A 388 -7.75 32.65 -3.71
N ARG A 389 -7.82 31.37 -3.34
CA ARG A 389 -9.00 30.58 -3.59
C ARG A 389 -9.29 29.68 -2.40
N VAL A 390 -10.58 29.48 -2.14
CA VAL A 390 -11.04 28.66 -1.02
C VAL A 390 -12.15 27.74 -1.54
N CYS A 391 -12.12 26.48 -1.08
CA CYS A 391 -13.20 25.53 -1.42
C CYS A 391 -13.40 24.61 -0.24
N GLY A 392 -14.49 24.79 0.49
CA GLY A 392 -14.66 24.03 1.72
C GLY A 392 -13.52 24.33 2.67
N ALA A 393 -13.04 23.29 3.35
CA ALA A 393 -11.90 23.43 4.27
C ALA A 393 -10.57 23.33 3.53
N ILE A 394 -10.44 24.11 2.45
CA ILE A 394 -9.22 24.20 1.65
C ILE A 394 -8.96 25.67 1.35
N GLY A 395 -7.75 26.13 1.66
CA GLY A 395 -7.38 27.50 1.34
C GLY A 395 -6.04 27.57 0.65
N VAL A 396 -5.94 28.38 -0.41
CA VAL A 396 -4.77 28.41 -1.26
C VAL A 396 -4.37 29.85 -1.58
N ILE A 397 -3.08 30.14 -1.48
CA ILE A 397 -2.48 31.36 -2.01
C ILE A 397 -1.52 30.95 -3.11
N GLU A 398 -1.80 31.38 -4.34
CA GLU A 398 -0.91 31.11 -5.46
C GLU A 398 0.01 32.32 -5.68
N CYS A 399 1.31 32.05 -5.76
CA CYS A 399 2.33 33.07 -5.95
C CYS A 399 2.88 33.02 -7.37
N ASP A 400 3.64 34.05 -7.74
CA ASP A 400 4.22 34.14 -9.07
C ASP A 400 5.63 33.57 -9.15
N ARG A 401 6.10 32.88 -8.12
CA ARG A 401 7.43 32.29 -8.10
C ARG A 401 7.43 31.15 -7.09
N PRO A 402 8.41 30.25 -7.16
CA PRO A 402 8.47 29.18 -6.16
C PRO A 402 8.66 29.75 -4.76
N VAL A 403 8.08 29.07 -3.78
CA VAL A 403 8.16 29.49 -2.39
C VAL A 403 9.37 28.79 -1.77
N ASP A 404 10.28 29.57 -1.21
CA ASP A 404 11.50 29.02 -0.63
C ASP A 404 11.20 28.43 0.75
N LEU A 405 11.40 27.12 0.89
CA LEU A 405 11.13 26.45 2.15
C LEU A 405 12.02 26.98 3.27
N ALA A 406 13.24 27.39 2.95
CA ALA A 406 14.16 27.91 3.95
C ALA A 406 13.71 29.24 4.53
N VAL A 407 12.85 29.97 3.82
CA VAL A 407 12.28 31.20 4.33
C VAL A 407 10.89 30.98 4.91
N ALA A 408 10.09 30.13 4.25
CA ALA A 408 8.70 29.91 4.67
C ALA A 408 8.62 29.16 5.99
N THR A 409 9.46 28.13 6.17
CA THR A 409 9.29 27.26 7.34
C THR A 409 9.60 27.98 8.64
N PRO A 410 10.74 28.65 8.81
CA PRO A 410 10.92 29.43 10.05
C PRO A 410 9.86 30.49 10.26
N ALA A 411 9.40 31.12 9.17
CA ALA A 411 8.35 32.13 9.29
C ALA A 411 7.07 31.53 9.83
N ALA A 412 6.70 30.35 9.35
CA ALA A 412 5.47 29.72 9.82
C ALA A 412 5.64 29.19 11.23
N LEU A 413 6.79 28.59 11.53
CA LEU A 413 7.03 28.07 12.87
C LEU A 413 7.02 29.17 13.92
N ASP A 414 7.63 30.32 13.61
CA ASP A 414 7.57 31.46 14.51
C ASP A 414 6.14 31.81 14.88
N ARG A 415 5.19 31.53 14.00
CA ARG A 415 3.79 31.81 14.27
C ARG A 415 3.02 30.58 14.74
N GLY A 416 3.72 29.49 15.08
CA GLY A 416 3.07 28.33 15.66
C GLY A 416 2.27 27.50 14.69
N VAL A 417 2.68 27.46 13.42
CA VAL A 417 1.94 26.75 12.38
C VAL A 417 2.92 25.92 11.58
N TRP A 418 2.59 24.65 11.34
CA TRP A 418 3.33 23.79 10.42
C TRP A 418 2.69 23.90 9.04
N LEU A 419 3.42 24.49 8.09
CA LEU A 419 2.99 24.63 6.72
C LEU A 419 4.02 23.93 5.83
N ARG A 420 3.56 23.41 4.71
CA ARG A 420 4.44 22.73 3.76
C ARG A 420 4.06 23.23 2.37
N PRO A 421 4.60 24.38 1.97
CA PRO A 421 4.35 24.85 0.60
C PRO A 421 5.01 23.92 -0.40
N PHE A 422 4.55 24.01 -1.65
CA PHE A 422 5.26 23.36 -2.75
C PHE A 422 4.96 24.12 -4.02
N ARG A 423 5.91 24.07 -4.97
CA ARG A 423 5.90 24.89 -6.18
C ARG A 423 5.67 26.35 -5.76
N ASN A 424 4.66 27.03 -6.30
CA ASN A 424 4.36 28.42 -5.99
C ASN A 424 3.14 28.57 -5.07
N LEU A 425 2.84 27.55 -4.28
CA LEU A 425 1.58 27.48 -3.56
C LEU A 425 1.83 27.49 -2.06
N VAL A 426 1.11 28.35 -1.35
CA VAL A 426 0.99 28.28 0.10
C VAL A 426 -0.44 27.89 0.40
N TYR A 427 -0.62 26.75 1.05
CA TYR A 427 -1.98 26.22 1.16
C TYR A 427 -2.16 25.48 2.46
N ALA A 428 -3.43 25.28 2.82
CA ALA A 428 -3.78 24.56 4.04
C ALA A 428 -5.09 23.80 3.84
N MET A 429 -5.20 22.69 4.56
CA MET A 429 -6.42 21.89 4.63
C MET A 429 -6.56 21.50 6.09
N PRO A 430 -7.05 22.40 6.93
CA PRO A 430 -6.94 22.22 8.39
C PRO A 430 -7.86 21.14 8.91
N PRO A 431 -7.56 20.55 10.06
CA PRO A 431 -8.50 19.61 10.70
C PRO A 431 -9.85 20.27 10.92
N TYR A 432 -10.91 19.45 10.87
CA TYR A 432 -12.26 19.98 10.98
C TYR A 432 -12.54 20.55 12.37
N ILE A 433 -11.74 20.14 13.37
CA ILE A 433 -11.94 20.54 14.76
C ILE A 433 -11.27 21.87 15.08
N CYS A 434 -10.64 22.52 14.10
CA CYS A 434 -9.99 23.79 14.37
C CYS A 434 -10.99 24.85 14.78
N THR A 435 -10.64 25.60 15.82
CA THR A 435 -11.45 26.72 16.28
C THR A 435 -11.23 27.95 15.42
N PRO A 436 -12.14 28.93 15.48
CA PRO A 436 -11.90 30.20 14.76
C PRO A 436 -10.53 30.82 15.02
N ALA A 437 -10.05 30.79 16.27
CA ALA A 437 -8.74 31.33 16.57
C ALA A 437 -7.64 30.54 15.86
N GLU A 438 -7.77 29.21 15.82
CA GLU A 438 -6.76 28.41 15.15
C GLU A 438 -6.74 28.69 13.65
N ILE A 439 -7.90 28.90 13.05
CA ILE A 439 -7.96 29.26 11.62
C ILE A 439 -7.35 30.62 11.40
N THR A 440 -7.62 31.58 12.31
CA THR A 440 -6.99 32.89 12.21
C THR A 440 -5.48 32.77 12.31
N GLN A 441 -5.00 31.89 13.19
CA GLN A 441 -3.56 31.70 13.33
C GLN A 441 -2.96 31.05 12.08
N ILE A 442 -3.67 30.07 11.51
CA ILE A 442 -3.20 29.42 10.29
C ILE A 442 -3.14 30.42 9.13
N THR A 443 -4.23 31.16 8.91
CA THR A 443 -4.27 32.08 7.77
C THR A 443 -3.27 33.21 7.94
N SER A 444 -3.07 33.67 9.18
CA SER A 444 -2.09 34.73 9.41
C SER A 444 -0.69 34.26 9.02
N ALA A 445 -0.36 33.01 9.35
CA ALA A 445 0.94 32.47 8.93
C ALA A 445 1.02 32.34 7.41
N MET A 446 -0.07 31.94 6.76
CA MET A 446 -0.07 31.83 5.30
C MET A 446 0.16 33.19 4.65
N VAL A 447 -0.55 34.21 5.12
CA VAL A 447 -0.40 35.55 4.53
C VAL A 447 1.03 36.04 4.70
N GLU A 448 1.64 35.79 5.86
CA GLU A 448 3.00 36.23 6.10
C GLU A 448 4.00 35.52 5.19
N VAL A 449 3.81 34.22 4.97
CA VAL A 449 4.68 33.49 4.06
C VAL A 449 4.60 34.11 2.67
N ALA A 450 3.40 34.49 2.24
CA ALA A 450 3.23 35.09 0.93
C ALA A 450 3.85 36.49 0.89
N ARG A 451 3.74 37.22 2.00
CA ARG A 451 4.39 38.52 2.11
C ARG A 451 5.90 38.39 1.88
N LEU A 452 6.53 37.41 2.52
CA LEU A 452 7.97 37.19 2.38
C LEU A 452 8.38 36.65 1.02
N VAL A 453 7.44 36.16 0.21
CA VAL A 453 7.80 35.71 -1.13
C VAL A 453 8.14 36.89 -2.02
N GLY A 454 7.41 37.99 -1.90
CA GLY A 454 7.71 39.21 -2.63
C GLY A 454 8.28 40.31 -1.75
N LEU B 28 -22.79 -6.30 14.93
CA LEU B 28 -23.41 -7.19 13.95
C LEU B 28 -23.27 -8.66 14.38
N THR B 29 -24.32 -9.44 14.18
CA THR B 29 -24.24 -10.86 14.42
C THR B 29 -23.50 -11.55 13.28
N PRO B 30 -22.99 -12.77 13.51
CA PRO B 30 -22.33 -13.49 12.40
C PRO B 30 -23.17 -13.62 11.14
N GLU B 31 -24.49 -13.87 11.28
CA GLU B 31 -25.35 -13.93 10.10
C GLU B 31 -25.41 -12.58 9.41
N GLN B 32 -25.45 -11.50 10.19
CA GLN B 32 -25.50 -10.17 9.58
C GLN B 32 -24.22 -9.86 8.82
N ILE B 33 -23.08 -10.27 9.39
CA ILE B 33 -21.80 -10.07 8.71
C ILE B 33 -21.76 -10.82 7.38
N ILE B 34 -22.23 -12.07 7.39
CA ILE B 34 -22.28 -12.87 6.15
C ILE B 34 -23.14 -12.19 5.09
N ALA B 35 -24.25 -11.58 5.51
CA ALA B 35 -25.14 -10.93 4.56
C ALA B 35 -24.50 -9.68 3.95
N VAL B 36 -23.93 -8.81 4.80
CA VAL B 36 -23.22 -7.64 4.31
C VAL B 36 -22.10 -8.07 3.36
N ASP B 37 -21.32 -9.06 3.80
CA ASP B 37 -20.15 -9.49 3.05
C ASP B 37 -20.52 -10.01 1.67
N GLY B 38 -21.55 -10.86 1.59
CA GLY B 38 -21.96 -11.38 0.30
C GLY B 38 -22.46 -10.29 -0.63
N ALA B 39 -23.07 -9.24 -0.07
CA ALA B 39 -23.64 -8.18 -0.90
C ALA B 39 -22.61 -7.14 -1.32
N HIS B 40 -21.61 -6.86 -0.48
CA HIS B 40 -20.82 -5.64 -0.69
C HIS B 40 -19.31 -5.82 -0.65
N LEU B 41 -18.77 -6.97 -0.28
CA LEU B 41 -17.33 -7.08 -0.06
C LEU B 41 -16.67 -7.93 -1.14
N TRP B 42 -15.66 -7.36 -1.82
CA TRP B 42 -14.74 -8.13 -2.63
C TRP B 42 -13.73 -8.83 -1.73
N HIS B 43 -13.44 -10.10 -2.04
CA HIS B 43 -12.36 -10.80 -1.36
C HIS B 43 -11.18 -11.00 -2.31
N PRO B 44 -10.01 -11.39 -1.79
CA PRO B 44 -8.83 -11.56 -2.66
C PRO B 44 -9.09 -12.52 -3.80
N TYR B 45 -8.68 -12.12 -5.01
CA TYR B 45 -8.69 -12.99 -6.19
C TYR B 45 -10.02 -13.70 -6.37
N SER B 46 -11.12 -12.96 -6.20
CA SER B 46 -12.44 -13.58 -6.17
C SER B 46 -13.41 -12.86 -7.10
N SER B 47 -14.59 -13.45 -7.22
CA SER B 47 -15.71 -12.85 -7.93
C SER B 47 -16.67 -12.23 -6.92
N ILE B 48 -17.64 -11.50 -7.44
CA ILE B 48 -18.80 -11.07 -6.66
C ILE B 48 -19.96 -11.96 -7.07
N GLY B 49 -20.58 -12.64 -6.09
CA GLY B 49 -21.76 -13.46 -6.31
C GLY B 49 -21.53 -14.85 -6.85
N ARG B 50 -20.29 -15.25 -7.16
CA ARG B 50 -20.05 -16.54 -7.78
C ARG B 50 -18.98 -17.36 -7.05
N GLU B 51 -18.71 -17.06 -5.79
CA GLU B 51 -17.77 -17.84 -5.01
C GLU B 51 -18.44 -19.14 -4.55
N ALA B 52 -17.75 -20.26 -4.76
CA ALA B 52 -18.31 -21.56 -4.40
C ALA B 52 -18.32 -21.76 -2.89
N VAL B 53 -17.42 -21.10 -2.16
CA VAL B 53 -17.31 -21.22 -0.71
C VAL B 53 -17.45 -19.83 -0.11
N SER B 54 -18.53 -19.62 0.65
CA SER B 54 -18.70 -18.39 1.40
C SER B 54 -17.59 -18.26 2.44
N PRO B 55 -17.21 -17.04 2.82
CA PRO B 55 -16.16 -16.90 3.85
C PRO B 55 -16.69 -17.27 5.22
N VAL B 56 -15.76 -17.70 6.09
CA VAL B 56 -16.08 -18.03 7.49
C VAL B 56 -15.88 -16.77 8.33
N VAL B 57 -16.82 -16.49 9.24
CA VAL B 57 -16.71 -15.28 10.07
C VAL B 57 -15.66 -15.51 11.16
N ALA B 58 -14.71 -14.59 11.26
CA ALA B 58 -13.70 -14.58 12.30
C ALA B 58 -14.09 -13.53 13.34
N VAL B 59 -14.15 -13.93 14.61
CA VAL B 59 -14.58 -13.02 15.67
C VAL B 59 -13.49 -12.70 16.68
N ALA B 60 -12.38 -13.43 16.70
CA ALA B 60 -11.30 -13.16 17.64
C ALA B 60 -10.04 -13.84 17.17
N ALA B 61 -8.90 -13.35 17.67
CA ALA B 61 -7.60 -13.97 17.44
C ALA B 61 -6.69 -13.74 18.65
N HIS B 62 -6.13 -14.83 19.18
CA HIS B 62 -5.29 -14.75 20.37
C HIS B 62 -4.19 -15.79 20.29
N GLY B 63 -2.94 -15.34 20.38
CA GLY B 63 -1.83 -16.26 20.24
C GLY B 63 -1.88 -16.94 18.88
N ALA B 64 -1.72 -18.25 18.87
CA ALA B 64 -1.75 -18.97 17.59
C ALA B 64 -3.16 -19.36 17.16
N TRP B 65 -4.20 -18.86 17.82
CA TRP B 65 -5.56 -19.36 17.62
C TRP B 65 -6.50 -18.28 17.11
N LEU B 66 -7.36 -18.70 16.19
CA LEU B 66 -8.47 -17.91 15.67
C LEU B 66 -9.77 -18.43 16.24
N THR B 67 -10.70 -17.53 16.57
CA THR B 67 -12.06 -17.93 16.91
C THR B 67 -12.95 -17.69 15.69
N LEU B 68 -13.45 -18.77 15.11
CA LEU B 68 -14.29 -18.73 13.93
C LEU B 68 -15.69 -19.19 14.29
N ILE B 69 -16.66 -18.75 13.49
CA ILE B 69 -18.06 -19.13 13.67
C ILE B 69 -18.38 -20.22 12.65
N ARG B 70 -18.67 -21.42 13.15
CA ARG B 70 -19.03 -22.54 12.29
C ARG B 70 -20.37 -23.08 12.75
N ASP B 71 -21.35 -23.11 11.83
CA ASP B 71 -22.73 -23.51 12.13
C ASP B 71 -23.27 -22.78 13.35
N GLY B 72 -23.01 -21.48 13.41
CA GLY B 72 -23.50 -20.65 14.49
C GLY B 72 -22.76 -20.77 15.79
N GLN B 73 -21.73 -21.61 15.87
CA GLN B 73 -21.02 -21.78 17.13
C GLN B 73 -19.55 -21.40 16.98
N PRO B 74 -18.96 -20.77 17.99
CA PRO B 74 -17.55 -20.39 17.92
C PRO B 74 -16.63 -21.59 18.16
N ILE B 75 -15.63 -21.75 17.31
CA ILE B 75 -14.61 -22.79 17.45
C ILE B 75 -13.24 -22.12 17.42
N GLU B 76 -12.31 -22.67 18.22
CA GLU B 76 -10.91 -22.26 18.20
C GLU B 76 -10.15 -23.14 17.21
N VAL B 77 -9.43 -22.51 16.28
CA VAL B 77 -8.63 -23.25 15.31
C VAL B 77 -7.25 -22.60 15.21
N LEU B 78 -6.23 -23.40 14.90
CA LEU B 78 -4.87 -22.87 14.79
C LEU B 78 -4.69 -22.11 13.48
N ASP B 79 -4.01 -20.97 13.56
CA ASP B 79 -3.70 -20.14 12.39
C ASP B 79 -2.43 -20.69 11.75
N ALA B 80 -2.59 -21.80 11.02
CA ALA B 80 -1.44 -22.50 10.45
C ALA B 80 -0.74 -21.68 9.36
N MET B 81 -1.43 -20.72 8.76
CA MET B 81 -0.84 -19.89 7.73
C MET B 81 -0.20 -18.63 8.27
N SER B 82 -0.25 -18.41 9.59
CA SER B 82 0.17 -17.13 10.21
C SER B 82 -0.49 -15.95 9.52
N SER B 83 -1.74 -16.11 9.08
CA SER B 83 -2.43 -15.03 8.37
C SER B 83 -1.58 -14.53 7.20
N TRP B 84 -1.20 -15.49 6.37
CA TRP B 84 -0.36 -15.27 5.19
C TRP B 84 1.00 -14.71 5.58
N TRP B 85 1.71 -15.49 6.40
CA TRP B 85 3.11 -15.27 6.78
C TRP B 85 3.33 -14.09 7.72
N THR B 86 2.30 -13.45 8.26
CA THR B 86 2.52 -12.22 8.99
C THR B 86 2.64 -12.39 10.50
N ALA B 87 1.90 -13.31 11.08
CA ALA B 87 1.71 -13.35 12.53
C ALA B 87 2.79 -14.20 13.21
N ILE B 88 4.04 -13.76 13.09
CA ILE B 88 5.13 -14.62 13.55
C ILE B 88 5.13 -14.78 15.06
N HIS B 89 4.66 -13.78 15.80
CA HIS B 89 4.57 -13.87 17.25
C HIS B 89 3.17 -14.21 17.73
N GLY B 90 2.31 -14.67 16.83
CA GLY B 90 0.92 -14.88 17.14
C GLY B 90 0.18 -13.55 17.27
N HIS B 91 -1.13 -13.67 17.48
CA HIS B 91 -2.01 -12.52 17.57
C HIS B 91 -2.11 -12.03 19.01
N GLY B 92 -2.25 -10.71 19.17
CA GLY B 92 -2.41 -10.14 20.50
C GLY B 92 -1.29 -10.50 21.45
N HIS B 93 -0.05 -10.47 20.96
CA HIS B 93 1.10 -10.63 21.85
C HIS B 93 1.20 -9.41 22.75
N PRO B 94 1.37 -9.56 24.06
CA PRO B 94 1.32 -8.39 24.95
C PRO B 94 2.39 -7.33 24.63
N ALA B 95 3.58 -7.74 24.18
CA ALA B 95 4.64 -6.76 23.90
C ALA B 95 4.28 -5.90 22.69
N LEU B 96 3.61 -6.49 21.69
CA LEU B 96 3.24 -5.75 20.50
C LEU B 96 1.98 -4.92 20.74
N ASP B 97 0.98 -5.50 21.42
CA ASP B 97 -0.17 -4.71 21.86
C ASP B 97 0.27 -3.46 22.61
N GLN B 98 1.22 -3.63 23.53
CA GLN B 98 1.65 -2.52 24.38
C GLN B 98 2.43 -1.49 23.58
N ALA B 99 3.30 -1.92 22.66
CA ALA B 99 4.00 -0.95 21.83
C ALA B 99 3.03 -0.10 21.02
N LEU B 100 1.96 -0.72 20.54
CA LEU B 100 0.96 0.02 19.77
C LEU B 100 0.24 1.04 20.63
N THR B 101 -0.27 0.61 21.79
CA THR B 101 -1.01 1.54 22.64
C THR B 101 -0.10 2.63 23.20
N THR B 102 1.19 2.33 23.41
CA THR B 102 2.12 3.34 23.87
C THR B 102 2.30 4.43 22.81
N GLN B 103 2.52 4.02 21.56
CA GLN B 103 2.65 5.00 20.49
C GLN B 103 1.35 5.77 20.28
N LEU B 104 0.20 5.07 20.43
CA LEU B 104 -1.10 5.71 20.20
C LEU B 104 -1.33 6.85 21.18
N ARG B 105 -0.81 6.75 22.40
CA ARG B 105 -1.00 7.80 23.40
C ARG B 105 -0.15 9.03 23.13
N VAL B 106 0.86 8.91 22.28
CA VAL B 106 1.81 9.98 22.00
C VAL B 106 1.55 10.62 20.63
N MET B 107 1.50 9.82 19.57
CA MET B 107 1.39 10.36 18.21
C MET B 107 0.93 9.26 17.25
N ASN B 108 -0.28 9.41 16.71
CA ASN B 108 -0.80 8.37 15.82
C ASN B 108 -0.07 8.38 14.47
N HIS B 109 0.15 9.57 13.91
CA HIS B 109 0.70 9.73 12.58
C HIS B 109 1.02 11.19 12.37
N VAL B 110 2.10 11.45 11.63
CA VAL B 110 2.41 12.78 11.12
C VAL B 110 2.99 12.59 9.74
N MET B 111 2.84 13.61 8.89
CA MET B 111 3.43 13.53 7.56
C MET B 111 4.95 13.40 7.64
N PHE B 112 5.53 12.62 6.72
CA PHE B 112 6.98 12.43 6.70
C PHE B 112 7.68 13.48 5.84
N GLY B 113 6.95 14.43 5.28
CA GLY B 113 7.58 15.48 4.50
C GLY B 113 8.04 16.63 5.38
N GLY B 114 9.35 16.73 5.61
CA GLY B 114 9.90 17.79 6.44
C GLY B 114 9.97 17.45 7.91
N LEU B 115 9.42 16.30 8.33
CA LEU B 115 9.40 15.85 9.71
C LEU B 115 9.97 14.44 9.78
N THR B 116 10.57 14.10 10.92
CA THR B 116 10.97 12.74 11.19
C THR B 116 10.54 12.40 12.60
N HIS B 117 10.71 11.15 13.00
CA HIS B 117 10.20 10.76 14.31
C HIS B 117 10.89 9.51 14.82
N GLU B 118 10.73 9.28 16.13
CA GLU B 118 11.45 8.20 16.78
C GLU B 118 11.09 6.80 16.27
N PRO B 119 9.82 6.44 16.04
CA PRO B 119 9.56 5.11 15.48
C PRO B 119 10.23 4.86 14.15
N ALA B 120 10.24 5.85 13.23
CA ALA B 120 10.92 5.62 11.95
C ALA B 120 12.42 5.44 12.16
N ALA B 121 13.03 6.27 13.02
CA ALA B 121 14.48 6.16 13.23
C ALA B 121 14.84 4.86 13.92
N ARG B 122 14.08 4.45 14.94
CA ARG B 122 14.36 3.19 15.62
C ARG B 122 14.24 2.03 14.67
N LEU B 123 13.19 2.01 13.85
CA LEU B 123 13.02 0.90 12.92
C LEU B 123 14.09 0.93 11.84
N ALA B 124 14.42 2.10 11.30
CA ALA B 124 15.44 2.15 10.26
C ALA B 124 16.78 1.67 10.80
N LYS B 125 17.11 2.07 12.02
CA LYS B 125 18.39 1.66 12.62
C LYS B 125 18.46 0.15 12.81
N LEU B 126 17.36 -0.45 13.30
CA LEU B 126 17.28 -1.90 13.41
C LEU B 126 17.44 -2.58 12.05
N LEU B 127 16.70 -2.12 11.04
CA LEU B 127 16.70 -2.81 9.75
C LEU B 127 18.07 -2.74 9.10
N VAL B 128 18.72 -1.59 9.15
CA VAL B 128 20.06 -1.47 8.57
C VAL B 128 21.04 -2.40 9.28
N ASP B 129 20.85 -2.61 10.58
CA ASP B 129 21.79 -3.44 11.35
C ASP B 129 21.60 -4.95 11.12
N ILE B 130 20.38 -5.41 10.84
CA ILE B 130 20.13 -6.85 10.77
C ILE B 130 20.05 -7.40 9.34
N THR B 131 19.92 -6.54 8.34
CA THR B 131 19.83 -6.99 6.96
C THR B 131 21.23 -7.29 6.42
N PRO B 132 21.34 -7.98 5.27
CA PRO B 132 22.66 -8.25 4.68
C PRO B 132 23.52 -7.00 4.59
N ALA B 133 24.84 -7.18 4.75
CA ALA B 133 25.72 -6.04 4.88
C ALA B 133 25.63 -5.12 3.66
N GLY B 134 25.75 -3.82 3.92
CA GLY B 134 25.76 -2.83 2.86
C GLY B 134 24.43 -2.17 2.60
N LEU B 135 23.34 -2.71 3.13
CA LEU B 135 22.03 -2.09 2.93
C LEU B 135 21.88 -0.98 3.97
N ASP B 136 22.08 0.27 3.52
CA ASP B 136 22.33 1.39 4.43
C ASP B 136 21.20 2.41 4.50
N THR B 137 20.22 2.37 3.59
CA THR B 137 19.15 3.36 3.57
C THR B 137 17.81 2.65 3.45
N VAL B 138 16.75 3.28 3.99
CA VAL B 138 15.46 2.62 4.13
C VAL B 138 14.35 3.54 3.64
N PHE B 139 13.53 3.02 2.71
CA PHE B 139 12.34 3.73 2.24
C PHE B 139 11.10 2.96 2.70
N PHE B 140 10.32 3.56 3.60
CA PHE B 140 9.10 2.91 4.07
C PHE B 140 7.93 3.15 3.12
N SER B 141 7.11 2.11 2.92
CA SER B 141 5.89 2.25 2.16
C SER B 141 4.80 1.42 2.86
N ASP B 142 3.62 1.40 2.27
CA ASP B 142 2.49 0.82 2.98
C ASP B 142 2.20 -0.65 2.62
N SER B 143 2.83 -1.21 1.59
CA SER B 143 2.54 -2.60 1.26
C SER B 143 3.69 -3.20 0.46
N GLY B 144 3.69 -4.54 0.41
CA GLY B 144 4.75 -5.24 -0.27
C GLY B 144 4.82 -4.89 -1.75
N SER B 145 3.66 -4.83 -2.42
CA SER B 145 3.65 -4.52 -3.85
C SER B 145 4.25 -3.15 -4.11
N VAL B 146 3.92 -2.17 -3.26
CA VAL B 146 4.50 -0.84 -3.39
C VAL B 146 6.00 -0.89 -3.16
N SER B 147 6.46 -1.70 -2.20
CA SER B 147 7.90 -1.71 -1.95
C SER B 147 8.65 -2.31 -3.14
N VAL B 148 8.01 -3.22 -3.88
CA VAL B 148 8.62 -3.77 -5.09
C VAL B 148 8.67 -2.70 -6.19
N GLU B 149 7.61 -1.90 -6.32
CA GLU B 149 7.65 -0.78 -7.27
C GLU B 149 8.73 0.22 -6.89
N VAL B 150 8.93 0.45 -5.58
CA VAL B 150 9.98 1.36 -5.13
C VAL B 150 11.35 0.80 -5.49
N ALA B 151 11.53 -0.51 -5.31
CA ALA B 151 12.80 -1.15 -5.70
C ALA B 151 13.10 -0.97 -7.17
N ALA B 152 12.09 -1.17 -8.03
CA ALA B 152 12.28 -0.99 -9.46
C ALA B 152 12.58 0.48 -9.78
N LYS B 153 11.87 1.40 -9.12
CA LYS B 153 12.15 2.82 -9.32
C LYS B 153 13.58 3.16 -8.90
N MET B 154 14.05 2.62 -7.78
CA MET B 154 15.45 2.82 -7.40
C MET B 154 16.40 2.33 -8.49
N ALA B 155 16.14 1.14 -9.04
CA ALA B 155 17.05 0.61 -10.05
C ALA B 155 17.00 1.44 -11.32
N LEU B 156 15.81 1.89 -11.73
CA LEU B 156 15.73 2.68 -12.96
C LEU B 156 16.37 4.03 -12.77
N GLN B 157 16.13 4.69 -11.63
CA GLN B 157 16.71 5.99 -11.40
C GLN B 157 18.22 5.89 -11.19
N TYR B 158 18.69 4.76 -10.66
CA TYR B 158 20.12 4.54 -10.54
C TYR B 158 20.79 4.62 -11.91
N TRP B 159 20.32 3.82 -12.87
CA TRP B 159 20.99 3.81 -14.17
C TRP B 159 20.79 5.13 -14.92
N ARG B 160 19.65 5.80 -14.72
CA ARG B 160 19.49 7.13 -15.29
C ARG B 160 20.47 8.12 -14.66
N GLY B 161 20.75 7.95 -13.36
CA GLY B 161 21.80 8.71 -12.71
C GLY B 161 23.19 8.41 -13.24
N ARG B 162 23.38 7.27 -13.90
CA ARG B 162 24.66 6.93 -14.55
C ARG B 162 24.65 7.27 -16.03
N GLY B 163 23.62 7.97 -16.51
CA GLY B 163 23.52 8.25 -17.93
C GLY B 163 23.30 7.04 -18.80
N LEU B 164 22.60 6.02 -18.29
CA LEU B 164 22.30 4.81 -19.07
C LEU B 164 20.82 4.49 -18.95
N PRO B 165 19.94 5.35 -19.48
CA PRO B 165 18.50 5.11 -19.33
C PRO B 165 17.96 3.97 -20.18
N GLY B 166 18.77 3.41 -21.08
CA GLY B 166 18.35 2.18 -21.74
C GLY B 166 18.32 0.97 -20.82
N LYS B 167 18.97 1.06 -19.66
CA LYS B 167 18.94 -0.03 -18.67
C LYS B 167 17.66 0.15 -17.87
N ARG B 168 16.56 -0.39 -18.43
CA ARG B 168 15.24 -0.18 -17.86
C ARG B 168 14.38 -1.43 -17.76
N ARG B 169 14.84 -2.56 -18.28
CA ARG B 169 14.11 -3.81 -18.16
C ARG B 169 14.53 -4.55 -16.89
N LEU B 170 13.69 -5.51 -16.49
CA LEU B 170 14.00 -6.39 -15.37
C LEU B 170 14.15 -7.83 -15.86
N MET B 171 14.97 -8.60 -15.15
CA MET B 171 15.11 -10.02 -15.42
C MET B 171 14.80 -10.80 -14.16
N THR B 172 14.11 -11.92 -14.32
CA THR B 172 13.86 -12.81 -13.20
C THR B 172 13.86 -14.24 -13.72
N TRP B 173 13.65 -15.19 -12.80
CA TRP B 173 13.41 -16.58 -13.18
C TRP B 173 11.95 -16.92 -12.98
N ARG B 174 11.51 -17.97 -13.67
CA ARG B 174 10.11 -18.35 -13.62
C ARG B 174 9.71 -18.86 -12.23
N GLY B 175 8.41 -18.93 -11.99
CA GLY B 175 7.87 -19.38 -10.73
C GLY B 175 7.75 -18.34 -9.65
N GLY B 176 8.08 -17.07 -9.96
CA GLY B 176 8.08 -16.02 -8.96
C GLY B 176 6.76 -15.30 -8.81
N TYR B 177 6.66 -14.53 -7.72
CA TYR B 177 5.52 -13.68 -7.44
C TYR B 177 5.99 -12.48 -6.62
N HIS B 178 5.51 -11.29 -6.97
CA HIS B 178 6.04 -10.09 -6.34
C HIS B 178 4.97 -9.05 -6.05
N GLY B 179 3.69 -9.43 -6.07
CA GLY B 179 2.61 -8.51 -5.78
C GLY B 179 1.72 -8.30 -6.99
N ASP B 180 0.73 -7.43 -6.81
CA ASP B 180 -0.39 -7.29 -7.75
C ASP B 180 -0.49 -5.94 -8.44
N THR B 181 0.32 -4.95 -8.08
CA THR B 181 0.35 -3.71 -8.86
C THR B 181 0.99 -4.00 -10.22
N PHE B 182 0.85 -3.07 -11.16
CA PHE B 182 1.10 -3.43 -12.56
C PHE B 182 2.58 -3.68 -12.85
N LEU B 183 3.51 -2.96 -12.21
CA LEU B 183 4.91 -3.28 -12.41
C LEU B 183 5.25 -4.59 -11.73
N ALA B 184 4.75 -4.79 -10.50
CA ALA B 184 5.00 -6.05 -9.82
C ALA B 184 4.47 -7.24 -10.63
N MET B 185 3.32 -7.06 -11.30
CA MET B 185 2.77 -8.16 -12.10
C MET B 185 3.69 -8.55 -13.23
N SER B 186 4.49 -7.60 -13.75
CA SER B 186 5.32 -7.86 -14.93
C SER B 186 6.44 -8.86 -14.67
N ILE B 187 6.77 -9.12 -13.40
CA ILE B 187 7.79 -10.11 -13.05
C ILE B 187 7.19 -11.32 -12.36
N CYS B 188 5.86 -11.40 -12.31
N CYS B 188 5.87 -11.40 -12.26
CA CYS B 188 5.17 -12.63 -11.94
CA CYS B 188 5.27 -12.61 -11.75
C CYS B 188 5.42 -13.68 -13.01
C CYS B 188 5.17 -13.62 -12.92
N ASP B 189 5.35 -14.93 -12.62
CA ASP B 189 5.46 -16.00 -13.61
C ASP B 189 4.43 -15.82 -14.74
N PRO B 190 4.87 -15.71 -16.00
CA PRO B 190 3.95 -15.30 -17.06
C PRO B 190 3.01 -16.39 -17.57
N HIS B 191 3.25 -17.66 -17.27
CA HIS B 191 2.38 -18.74 -17.73
C HIS B 191 1.56 -19.31 -16.58
N GLY B 192 2.16 -20.09 -15.69
CA GLY B 192 1.40 -20.58 -14.56
C GLY B 192 1.05 -19.54 -13.53
N GLY B 193 1.56 -18.30 -13.66
CA GLY B 193 1.32 -17.30 -12.65
C GLY B 193 -0.08 -16.70 -12.72
N MET B 194 -0.52 -16.16 -11.58
CA MET B 194 -1.89 -15.66 -11.49
C MET B 194 -2.13 -14.43 -12.37
N HIS B 195 -1.09 -13.76 -12.85
CA HIS B 195 -1.28 -12.58 -13.69
C HIS B 195 -1.08 -12.89 -15.17
N SER B 196 -1.26 -14.15 -15.57
CA SER B 196 -0.95 -14.56 -16.94
C SER B 196 -1.84 -13.87 -17.98
N LEU B 197 -3.09 -13.56 -17.63
CA LEU B 197 -4.01 -13.02 -18.60
C LEU B 197 -3.78 -11.55 -18.89
N TRP B 198 -2.87 -10.90 -18.18
CA TRP B 198 -2.59 -9.48 -18.33
C TRP B 198 -1.38 -9.19 -19.17
N THR B 199 -0.66 -10.23 -19.62
CA THR B 199 0.67 -10.02 -20.20
C THR B 199 0.62 -9.06 -21.38
N ASP B 200 -0.52 -8.96 -22.06
CA ASP B 200 -0.67 -8.06 -23.20
C ASP B 200 -0.55 -6.58 -22.82
N VAL B 201 -0.74 -6.22 -21.55
CA VAL B 201 -0.69 -4.83 -21.13
C VAL B 201 0.43 -4.56 -20.13
N LEU B 202 1.26 -5.54 -19.81
CA LEU B 202 2.32 -5.37 -18.85
C LEU B 202 3.63 -5.05 -19.56
N ALA B 203 4.58 -4.53 -18.78
CA ALA B 203 5.94 -4.37 -19.26
C ALA B 203 6.51 -5.75 -19.59
N ALA B 204 7.26 -5.85 -20.68
CA ALA B 204 7.77 -7.13 -21.14
C ALA B 204 9.16 -7.36 -20.56
N GLN B 205 9.26 -8.28 -19.60
CA GLN B 205 10.51 -8.48 -18.89
C GLN B 205 11.22 -9.73 -19.40
N VAL B 206 12.42 -9.99 -18.88
CA VAL B 206 13.23 -11.12 -19.32
C VAL B 206 13.08 -12.24 -18.29
N PHE B 207 12.70 -13.45 -18.75
CA PHE B 207 12.48 -14.59 -17.86
C PHE B 207 13.44 -15.72 -18.17
N ALA B 208 14.20 -16.15 -17.16
CA ALA B 208 14.94 -17.39 -17.20
C ALA B 208 14.02 -18.55 -16.81
N PRO B 209 14.39 -19.78 -17.18
CA PRO B 209 13.57 -20.92 -16.77
C PRO B 209 13.50 -21.04 -15.25
N GLN B 210 12.53 -21.84 -14.79
CA GLN B 210 12.39 -22.15 -13.38
C GLN B 210 13.72 -22.59 -12.76
N VAL B 211 14.10 -21.97 -11.65
CA VAL B 211 15.33 -22.40 -10.98
C VAL B 211 15.10 -23.76 -10.34
N PRO B 212 15.99 -24.72 -10.51
CA PRO B 212 15.79 -26.06 -9.93
C PRO B 212 15.98 -26.07 -8.43
N ARG B 213 15.47 -27.13 -7.80
CA ARG B 213 15.72 -27.32 -6.37
C ARG B 213 17.19 -27.60 -6.08
N ASP B 214 17.77 -28.58 -6.76
CA ASP B 214 19.16 -28.95 -6.54
C ASP B 214 20.08 -28.09 -7.38
N TYR B 215 21.30 -27.89 -6.88
CA TYR B 215 22.26 -27.03 -7.55
C TYR B 215 22.83 -27.70 -8.79
N ASP B 216 22.77 -27.02 -9.91
CA ASP B 216 23.25 -27.50 -11.19
C ASP B 216 23.99 -26.36 -11.88
N PRO B 217 25.31 -26.47 -12.03
CA PRO B 217 26.06 -25.38 -12.65
C PRO B 217 25.59 -25.02 -14.05
N ALA B 218 24.94 -25.94 -14.77
CA ALA B 218 24.45 -25.63 -16.10
C ALA B 218 23.34 -24.59 -16.07
N TYR B 219 22.56 -24.56 -14.99
CA TYR B 219 21.49 -23.57 -14.91
C TYR B 219 22.07 -22.17 -14.80
N SER B 220 23.06 -21.99 -13.93
CA SER B 220 23.69 -20.70 -13.74
C SER B 220 24.42 -20.23 -15.00
N ALA B 221 25.09 -21.17 -15.69
CA ALA B 221 25.73 -20.82 -16.96
C ALA B 221 24.71 -20.34 -17.97
N ALA B 222 23.56 -21.02 -18.05
CA ALA B 222 22.51 -20.59 -18.96
C ALA B 222 21.92 -19.25 -18.54
N PHE B 223 21.74 -19.04 -17.24
CA PHE B 223 21.25 -17.75 -16.74
C PHE B 223 22.19 -16.62 -17.16
N GLU B 224 23.50 -16.83 -16.96
CA GLU B 224 24.48 -15.83 -17.36
C GLU B 224 24.45 -15.59 -18.86
N ALA B 225 24.33 -16.65 -19.65
CA ALA B 225 24.34 -16.48 -21.09
C ALA B 225 23.13 -15.68 -21.55
N GLN B 226 21.98 -15.90 -20.91
CA GLN B 226 20.78 -15.16 -21.25
C GLN B 226 20.88 -13.71 -20.78
N LEU B 227 21.36 -13.50 -19.56
CA LEU B 227 21.56 -12.14 -19.08
C LEU B 227 22.57 -11.38 -19.95
N ALA B 228 23.62 -12.08 -20.40
CA ALA B 228 24.66 -11.43 -21.19
C ALA B 228 24.09 -10.73 -22.42
N GLN B 229 23.13 -11.35 -23.11
CA GLN B 229 22.64 -10.72 -24.31
C GLN B 229 21.63 -9.62 -24.06
N HIS B 230 21.17 -9.44 -22.81
CA HIS B 230 20.27 -8.35 -22.48
C HIS B 230 20.91 -7.31 -21.56
N ALA B 231 22.19 -7.44 -21.21
CA ALA B 231 22.75 -6.65 -20.13
C ALA B 231 22.59 -5.15 -20.39
N GLY B 232 22.80 -4.71 -21.63
CA GLY B 232 22.67 -3.30 -21.95
C GLY B 232 21.27 -2.74 -21.82
N GLU B 233 20.25 -3.58 -21.66
CA GLU B 233 18.90 -3.09 -21.44
C GLU B 233 18.36 -3.47 -20.06
N LEU B 234 19.16 -4.10 -19.20
CA LEU B 234 18.67 -4.60 -17.92
C LEU B 234 19.08 -3.66 -16.78
N ALA B 235 18.07 -3.21 -16.01
CA ALA B 235 18.38 -2.47 -14.79
C ALA B 235 18.71 -3.40 -13.64
N ALA B 236 18.00 -4.52 -13.55
CA ALA B 236 18.13 -5.34 -12.35
C ALA B 236 17.64 -6.75 -12.61
N VAL B 237 18.20 -7.67 -11.85
CA VAL B 237 17.63 -9.01 -11.63
C VAL B 237 16.84 -8.94 -10.34
N VAL B 238 15.60 -9.45 -10.36
CA VAL B 238 14.72 -9.45 -9.20
C VAL B 238 14.31 -10.89 -8.93
N VAL B 239 14.59 -11.40 -7.72
CA VAL B 239 14.20 -12.76 -7.35
C VAL B 239 13.79 -12.81 -5.88
N GLU B 240 12.99 -13.83 -5.55
CA GLU B 240 12.79 -14.26 -4.16
C GLU B 240 13.92 -15.22 -3.79
N PRO B 241 14.70 -14.95 -2.75
CA PRO B 241 15.84 -15.83 -2.42
C PRO B 241 15.42 -17.07 -1.63
N VAL B 242 15.90 -18.24 -2.09
CA VAL B 242 15.77 -19.57 -1.46
C VAL B 242 14.36 -20.16 -1.55
N VAL B 243 13.33 -19.39 -1.19
CA VAL B 243 11.95 -19.86 -1.21
C VAL B 243 11.15 -18.96 -2.14
N GLN B 244 10.50 -19.57 -3.13
CA GLN B 244 9.49 -18.89 -3.94
C GLN B 244 8.14 -19.21 -3.34
N GLY B 245 7.44 -18.19 -2.85
CA GLY B 245 6.24 -18.45 -2.09
C GLY B 245 4.96 -18.61 -2.87
N ALA B 246 4.29 -17.48 -3.12
CA ALA B 246 2.96 -17.53 -3.73
C ALA B 246 2.98 -18.14 -5.12
N GLY B 247 4.15 -18.23 -5.75
CA GLY B 247 4.24 -18.86 -7.04
C GLY B 247 4.40 -20.37 -7.03
N GLY B 248 4.49 -21.01 -5.85
CA GLY B 248 4.55 -22.46 -5.81
C GLY B 248 5.28 -23.13 -4.66
N MET B 249 5.64 -22.38 -3.61
CA MET B 249 6.32 -22.93 -2.44
C MET B 249 7.47 -23.86 -2.85
N ARG B 250 8.30 -23.38 -3.78
CA ARG B 250 9.46 -24.13 -4.24
C ARG B 250 10.70 -23.62 -3.53
N PHE B 251 11.60 -24.53 -3.17
CA PHE B 251 12.87 -24.18 -2.54
C PHE B 251 14.01 -24.42 -3.53
N HIS B 252 15.02 -23.55 -3.52
CA HIS B 252 16.18 -23.79 -4.37
C HIS B 252 17.46 -23.63 -3.56
N ASP B 253 18.53 -24.22 -4.09
CA ASP B 253 19.81 -24.23 -3.38
C ASP B 253 20.34 -22.81 -3.23
N PRO B 254 20.76 -22.39 -2.03
CA PRO B 254 21.26 -21.01 -1.86
C PRO B 254 22.46 -20.69 -2.73
N ARG B 255 23.19 -21.70 -3.22
CA ARG B 255 24.34 -21.42 -4.07
C ARG B 255 23.94 -20.67 -5.35
N TYR B 256 22.69 -20.83 -5.81
CA TYR B 256 22.26 -20.05 -6.97
C TYR B 256 22.32 -18.55 -6.70
N LEU B 257 22.08 -18.14 -5.45
CA LEU B 257 22.14 -16.73 -5.10
C LEU B 257 23.56 -16.22 -5.14
N HIS B 258 24.52 -17.07 -4.77
CA HIS B 258 25.92 -16.73 -4.94
C HIS B 258 26.24 -16.48 -6.40
N ASP B 259 25.74 -17.37 -7.28
CA ASP B 259 25.95 -17.20 -8.72
C ASP B 259 25.30 -15.93 -9.24
N LEU B 260 24.06 -15.65 -8.84
CA LEU B 260 23.41 -14.41 -9.27
C LEU B 260 24.21 -13.18 -8.86
N ARG B 261 24.71 -13.15 -7.63
CA ARG B 261 25.47 -11.99 -7.17
C ARG B 261 26.72 -11.79 -8.03
N ASP B 262 27.40 -12.89 -8.37
CA ASP B 262 28.59 -12.80 -9.19
C ASP B 262 28.23 -12.36 -10.61
N ILE B 263 27.21 -12.98 -11.21
CA ILE B 263 26.78 -12.59 -12.55
C ILE B 263 26.42 -11.12 -12.58
N CYS B 264 25.66 -10.66 -11.59
CA CYS B 264 25.20 -9.28 -11.61
C CYS B 264 26.36 -8.31 -11.47
N ARG B 265 27.35 -8.63 -10.64
CA ARG B 265 28.47 -7.72 -10.48
C ARG B 265 29.31 -7.65 -11.75
N ARG B 266 29.53 -8.79 -12.41
CA ARG B 266 30.36 -8.81 -13.61
C ARG B 266 29.68 -8.14 -14.79
N TYR B 267 28.35 -8.18 -14.87
CA TYR B 267 27.65 -7.61 -16.01
C TYR B 267 27.04 -6.25 -15.71
N GLU B 268 27.33 -5.69 -14.53
CA GLU B 268 26.78 -4.40 -14.11
C GLU B 268 25.26 -4.37 -14.27
N VAL B 269 24.62 -5.32 -13.61
CA VAL B 269 23.18 -5.32 -13.41
C VAL B 269 22.94 -5.34 -11.91
N LEU B 270 21.98 -4.53 -11.43
CA LEU B 270 21.70 -4.53 -10.01
C LEU B 270 20.96 -5.81 -9.61
N LEU B 271 21.16 -6.23 -8.37
CA LEU B 271 20.51 -7.44 -7.83
C LEU B 271 19.51 -7.03 -6.74
N ILE B 272 18.25 -7.39 -6.93
CA ILE B 272 17.17 -7.06 -6.01
C ILE B 272 16.65 -8.37 -5.41
N PHE B 273 16.62 -8.46 -4.08
CA PHE B 273 16.01 -9.60 -3.39
C PHE B 273 14.66 -9.16 -2.80
N ASP B 274 13.62 -9.92 -3.12
CA ASP B 274 12.30 -9.71 -2.55
C ASP B 274 12.18 -10.68 -1.38
N GLU B 275 12.40 -10.17 -0.17
CA GLU B 275 12.29 -10.95 1.05
C GLU B 275 10.99 -10.69 1.81
N ILE B 276 9.95 -10.27 1.09
CA ILE B 276 8.69 -9.93 1.76
C ILE B 276 8.11 -11.15 2.46
N ALA B 277 8.24 -12.33 1.86
CA ALA B 277 7.78 -13.56 2.51
C ALA B 277 8.87 -14.27 3.30
N THR B 278 10.13 -14.15 2.89
CA THR B 278 11.19 -14.93 3.51
C THR B 278 11.83 -14.26 4.72
N GLY B 279 11.55 -12.99 4.99
CA GLY B 279 12.28 -12.25 6.01
C GLY B 279 11.94 -12.66 7.44
N PHE B 280 12.79 -12.20 8.36
CA PHE B 280 12.54 -12.28 9.80
C PHE B 280 12.44 -13.73 10.29
N GLY B 281 13.40 -14.55 9.85
CA GLY B 281 13.61 -15.86 10.42
C GLY B 281 12.88 -17.01 9.76
N ARG B 282 12.00 -16.73 8.81
CA ARG B 282 11.03 -17.75 8.37
C ARG B 282 11.69 -18.96 7.74
N THR B 283 12.80 -18.77 7.00
CA THR B 283 13.47 -19.89 6.35
C THR B 283 14.57 -20.51 7.19
N GLY B 284 14.74 -20.09 8.43
CA GLY B 284 15.79 -20.63 9.28
C GLY B 284 16.98 -19.71 9.45
N ALA B 285 17.12 -18.74 8.57
CA ALA B 285 18.07 -17.65 8.73
C ALA B 285 17.28 -16.38 8.94
N LEU B 286 17.93 -15.35 9.48
CA LEU B 286 17.22 -14.11 9.73
C LEU B 286 16.63 -13.56 8.42
N PHE B 287 17.43 -13.55 7.36
CA PHE B 287 16.94 -13.29 6.01
C PHE B 287 17.44 -14.40 5.09
N ALA B 288 16.64 -14.76 4.08
CA ALA B 288 17.01 -15.94 3.29
C ALA B 288 18.33 -15.73 2.56
N ALA B 289 18.66 -14.48 2.22
CA ALA B 289 19.94 -14.17 1.60
C ALA B 289 21.11 -14.64 2.47
N ASP B 290 20.89 -14.70 3.79
CA ASP B 290 21.95 -15.14 4.70
C ASP B 290 22.35 -16.58 4.49
N HIS B 291 21.50 -17.40 3.89
CA HIS B 291 21.88 -18.79 3.60
C HIS B 291 23.01 -18.88 2.60
N ALA B 292 23.21 -17.85 1.79
CA ALA B 292 24.28 -17.80 0.81
C ALA B 292 25.33 -16.76 1.17
N GLY B 293 25.14 -16.01 2.26
CA GLY B 293 26.03 -14.92 2.60
C GLY B 293 26.06 -13.80 1.59
N VAL B 294 24.97 -13.61 0.83
CA VAL B 294 24.93 -12.67 -0.30
C VAL B 294 24.23 -11.40 0.15
N SER B 295 24.74 -10.26 -0.32
CA SER B 295 24.06 -8.97 -0.17
C SER B 295 23.54 -8.51 -1.53
N PRO B 296 22.25 -8.26 -1.66
CA PRO B 296 21.75 -7.62 -2.88
C PRO B 296 22.04 -6.11 -2.83
N ASP B 297 21.84 -5.45 -3.98
CA ASP B 297 21.93 -3.99 -3.98
C ASP B 297 20.68 -3.33 -3.40
N ILE B 298 19.54 -4.00 -3.56
CA ILE B 298 18.23 -3.51 -3.13
C ILE B 298 17.48 -4.70 -2.52
N MET B 299 16.73 -4.43 -1.45
CA MET B 299 15.99 -5.50 -0.77
C MET B 299 14.63 -4.98 -0.30
N CYS B 300 13.59 -5.79 -0.50
CA CYS B 300 12.24 -5.50 0.00
C CYS B 300 11.90 -6.41 1.19
N VAL B 301 11.24 -5.83 2.19
CA VAL B 301 10.71 -6.57 3.32
C VAL B 301 9.29 -6.10 3.59
N GLY B 302 8.52 -6.95 4.27
CA GLY B 302 7.13 -6.64 4.56
C GLY B 302 6.57 -7.73 5.44
N LYS B 303 5.26 -7.96 5.35
CA LYS B 303 4.55 -9.03 6.02
C LYS B 303 4.91 -9.17 7.50
N ALA B 304 5.84 -10.09 7.83
CA ALA B 304 6.20 -10.30 9.23
C ALA B 304 6.86 -9.10 9.86
N LEU B 305 7.24 -8.10 9.05
CA LEU B 305 7.82 -6.86 9.56
C LEU B 305 7.04 -6.28 10.73
N THR B 306 5.72 -6.23 10.62
CA THR B 306 4.88 -5.64 11.66
C THR B 306 4.35 -6.66 12.65
N GLY B 307 4.84 -7.90 12.60
CA GLY B 307 4.21 -8.92 13.44
C GLY B 307 2.81 -9.25 12.99
N GLY B 308 2.40 -8.76 11.83
CA GLY B 308 1.07 -9.03 11.35
C GLY B 308 -0.01 -8.12 11.89
N TYR B 309 0.35 -7.03 12.55
CA TYR B 309 -0.65 -6.12 13.11
C TYR B 309 -1.20 -5.16 12.07
N LEU B 310 -0.30 -4.55 11.30
CA LEU B 310 -0.62 -3.43 10.43
C LEU B 310 0.15 -3.61 9.13
N SER B 311 -0.32 -2.96 8.08
CA SER B 311 0.38 -3.02 6.81
C SER B 311 1.58 -2.07 6.84
N LEU B 312 2.75 -2.60 6.53
CA LEU B 312 3.95 -1.79 6.37
C LEU B 312 4.94 -2.59 5.53
N ALA B 313 5.78 -1.88 4.79
CA ALA B 313 6.83 -2.52 4.01
C ALA B 313 8.00 -1.57 3.94
N ALA B 314 9.14 -2.10 3.52
CA ALA B 314 10.33 -1.26 3.42
C ALA B 314 11.16 -1.71 2.24
N THR B 315 11.84 -0.75 1.62
CA THR B 315 12.80 -1.03 0.56
C THR B 315 14.14 -0.45 1.01
N LEU B 316 15.16 -1.30 1.07
CA LEU B 316 16.50 -0.85 1.43
C LEU B 316 17.40 -0.86 0.21
N CYS B 317 18.38 0.05 0.19
CA CYS B 317 19.40 0.02 -0.85
C CYS B 317 20.74 0.45 -0.27
N THR B 318 21.78 0.17 -1.05
CA THR B 318 23.14 0.50 -0.64
C THR B 318 23.37 2.02 -0.68
N ALA B 319 24.44 2.44 -0.02
CA ALA B 319 24.82 3.86 -0.12
C ALA B 319 25.12 4.24 -1.56
N ASP B 320 25.77 3.36 -2.31
CA ASP B 320 26.11 3.68 -3.69
C ASP B 320 24.86 3.92 -4.52
N VAL B 321 23.84 3.10 -4.35
CA VAL B 321 22.58 3.33 -5.08
C VAL B 321 21.94 4.64 -4.63
N ALA B 322 21.90 4.89 -3.32
CA ALA B 322 21.27 6.11 -2.84
C ALA B 322 22.00 7.35 -3.34
N HIS B 323 23.33 7.33 -3.28
CA HIS B 323 24.08 8.52 -3.70
C HIS B 323 24.02 8.72 -5.20
N THR B 324 23.97 7.64 -5.98
CA THR B 324 23.88 7.79 -7.43
C THR B 324 22.52 8.35 -7.83
N ILE B 325 21.45 7.93 -7.16
CA ILE B 325 20.14 8.54 -7.39
C ILE B 325 20.16 10.01 -6.98
N SER B 326 20.73 10.31 -5.82
CA SER B 326 20.67 11.66 -5.27
C SER B 326 21.54 12.63 -6.06
N ALA B 327 22.61 12.14 -6.69
CA ALA B 327 23.47 12.99 -7.51
C ALA B 327 23.00 13.11 -8.94
N GLY B 328 21.97 12.34 -9.34
CA GLY B 328 21.49 12.36 -10.70
C GLY B 328 20.70 13.62 -11.02
N ALA B 329 20.28 13.71 -12.29
CA ALA B 329 19.57 14.90 -12.74
C ALA B 329 18.23 15.07 -12.05
N ALA B 330 17.63 13.96 -11.60
CA ALA B 330 16.41 14.07 -10.83
C ALA B 330 16.68 14.63 -9.43
N GLY B 331 17.83 14.29 -8.86
CA GLY B 331 18.22 14.81 -7.56
C GLY B 331 17.51 14.20 -6.37
N ALA B 332 16.63 13.24 -6.59
CA ALA B 332 15.84 12.66 -5.52
C ALA B 332 15.18 11.40 -6.06
N LEU B 333 14.73 10.56 -5.14
CA LEU B 333 13.97 9.37 -5.47
C LEU B 333 12.50 9.76 -5.53
N MET B 334 11.90 9.64 -6.71
CA MET B 334 10.61 10.28 -6.97
C MET B 334 9.47 9.38 -6.52
N HIS B 335 9.39 9.20 -5.20
CA HIS B 335 8.34 8.40 -4.58
C HIS B 335 8.07 8.95 -3.19
N GLY B 336 6.82 8.86 -2.75
CA GLY B 336 6.48 9.35 -1.43
C GLY B 336 5.00 9.29 -1.13
N PRO B 337 4.56 8.14 -0.62
CA PRO B 337 3.13 7.93 -0.36
C PRO B 337 2.65 8.73 0.85
N THR B 338 1.33 8.94 0.88
CA THR B 338 0.70 9.77 1.92
C THR B 338 1.11 9.33 3.32
N PHE B 339 1.00 8.03 3.61
CA PHE B 339 1.22 7.52 4.96
C PHE B 339 2.63 7.00 5.18
N MET B 340 3.59 7.47 4.38
CA MET B 340 4.97 7.01 4.47
C MET B 340 5.46 7.08 5.90
N ALA B 341 5.98 5.94 6.39
CA ALA B 341 6.65 5.85 7.68
C ALA B 341 5.71 6.07 8.85
N ASN B 342 4.45 5.64 8.71
CA ASN B 342 3.42 5.79 9.74
C ASN B 342 3.93 5.41 11.14
N PRO B 343 3.88 6.35 12.11
CA PRO B 343 4.39 6.04 13.45
C PRO B 343 3.81 4.79 14.09
N LEU B 344 2.50 4.56 13.98
CA LEU B 344 1.90 3.40 14.63
C LEU B 344 2.46 2.10 14.03
N ALA B 345 2.49 2.01 12.69
CA ALA B 345 3.03 0.80 12.07
C ALA B 345 4.51 0.62 12.39
N CYS B 346 5.30 1.70 12.33
CA CYS B 346 6.71 1.60 12.68
C CYS B 346 6.91 1.15 14.12
N ALA B 347 6.08 1.65 15.04
CA ALA B 347 6.28 1.34 16.45
C ALA B 347 6.01 -0.13 16.75
N VAL B 348 4.97 -0.72 16.15
CA VAL B 348 4.74 -2.13 16.41
C VAL B 348 5.78 -2.99 15.71
N SER B 349 6.29 -2.54 14.56
CA SER B 349 7.37 -3.25 13.89
CA SER B 349 7.36 -3.26 13.90
C SER B 349 8.64 -3.27 14.75
N VAL B 350 9.00 -2.12 15.33
CA VAL B 350 10.12 -2.06 16.25
C VAL B 350 10.00 -3.13 17.32
N ALA B 351 8.82 -3.21 17.95
CA ALA B 351 8.61 -4.18 19.02
C ALA B 351 8.69 -5.60 18.51
N SER B 352 8.13 -5.87 17.32
CA SER B 352 8.15 -7.22 16.75
C SER B 352 9.57 -7.66 16.40
N VAL B 353 10.36 -6.75 15.83
CA VAL B 353 11.74 -7.08 15.50
C VAL B 353 12.55 -7.28 16.77
N GLU B 354 12.40 -6.38 17.75
CA GLU B 354 13.11 -6.54 19.01
C GLU B 354 12.73 -7.83 19.72
N LEU B 355 11.45 -8.20 19.66
CA LEU B 355 11.01 -9.44 20.29
C LEU B 355 11.65 -10.64 19.61
N LEU B 356 11.75 -10.61 18.27
CA LEU B 356 12.42 -11.69 17.56
C LEU B 356 13.91 -11.76 17.94
N LEU B 357 14.58 -10.61 17.98
CA LEU B 357 16.02 -10.62 18.21
C LEU B 357 16.36 -10.93 19.66
N GLY B 358 15.46 -10.64 20.59
CA GLY B 358 15.69 -10.82 22.00
C GLY B 358 15.52 -12.24 22.51
N GLN B 359 15.17 -13.17 21.63
CA GLN B 359 15.07 -14.58 21.95
C GLN B 359 16.01 -15.37 21.05
N ASP B 360 16.20 -16.65 21.37
CA ASP B 360 17.00 -17.53 20.53
C ASP B 360 16.12 -18.03 19.37
N TRP B 361 15.86 -17.10 18.43
CA TRP B 361 14.95 -17.42 17.32
C TRP B 361 15.47 -18.57 16.47
N ARG B 362 16.79 -18.70 16.33
CA ARG B 362 17.34 -19.72 15.45
C ARG B 362 17.03 -21.12 15.97
N THR B 363 17.19 -21.34 17.28
CA THR B 363 16.78 -22.60 17.88
C THR B 363 15.28 -22.83 17.76
N ARG B 364 14.48 -21.77 17.97
CA ARG B 364 13.03 -21.89 17.86
C ARG B 364 12.63 -22.37 16.48
N ILE B 365 13.23 -21.80 15.43
CA ILE B 365 12.89 -22.16 14.05
C ILE B 365 13.37 -23.57 13.73
N THR B 366 14.57 -23.92 14.19
CA THR B 366 15.04 -25.30 14.02
C THR B 366 14.07 -26.30 14.65
N GLU B 367 13.52 -25.97 15.82
CA GLU B 367 12.58 -26.89 16.47
C GLU B 367 11.27 -26.97 15.70
N LEU B 368 10.80 -25.83 15.17
CA LEU B 368 9.60 -25.85 14.34
C LEU B 368 9.82 -26.67 13.08
N ALA B 369 10.97 -26.50 12.43
CA ALA B 369 11.27 -27.25 11.22
C ALA B 369 11.30 -28.74 11.51
N ALA B 370 11.89 -29.13 12.64
CA ALA B 370 11.93 -30.55 13.00
C ALA B 370 10.53 -31.08 13.28
N GLY B 371 9.68 -30.26 13.90
CA GLY B 371 8.31 -30.66 14.14
C GLY B 371 7.53 -30.86 12.86
N LEU B 372 7.71 -29.95 11.90
CA LEU B 372 7.04 -30.08 10.61
C LEU B 372 7.57 -31.30 9.86
N THR B 373 8.89 -31.49 9.86
CA THR B 373 9.46 -32.64 9.19
C THR B 373 8.90 -33.93 9.75
N ALA B 374 8.84 -34.04 11.08
CA ALA B 374 8.42 -35.28 11.71
C ALA B 374 6.93 -35.53 11.48
N GLY B 375 6.11 -34.48 11.54
CA GLY B 375 4.68 -34.63 11.42
C GLY B 375 4.18 -34.80 10.00
N LEU B 376 4.95 -34.37 9.00
CA LEU B 376 4.54 -34.52 7.61
C LEU B 376 5.09 -35.76 6.95
N ASP B 377 5.94 -36.53 7.65
CA ASP B 377 6.61 -37.67 7.01
C ASP B 377 5.61 -38.69 6.47
N THR B 378 4.55 -39.00 7.24
CA THR B 378 3.59 -40.00 6.78
C THR B 378 2.88 -39.59 5.49
N ALA B 379 2.87 -38.30 5.14
CA ALA B 379 2.21 -37.89 3.92
C ALA B 379 2.91 -38.42 2.68
N ARG B 380 4.20 -38.78 2.78
CA ARG B 380 4.93 -39.25 1.61
C ARG B 380 4.34 -40.52 1.03
N ALA B 381 3.71 -41.35 1.86
CA ALA B 381 3.15 -42.62 1.40
C ALA B 381 1.77 -42.47 0.77
N LEU B 382 1.11 -41.34 0.94
CA LEU B 382 -0.25 -41.18 0.45
C LEU B 382 -0.26 -41.18 -1.08
N PRO B 383 -1.28 -41.78 -1.70
CA PRO B 383 -1.23 -41.98 -3.16
C PRO B 383 -1.20 -40.68 -3.97
N ALA B 384 -1.79 -39.61 -3.47
CA ALA B 384 -1.90 -38.37 -4.22
C ALA B 384 -0.78 -37.38 -3.92
N VAL B 385 0.22 -37.77 -3.14
CA VAL B 385 1.29 -36.87 -2.72
C VAL B 385 2.51 -37.13 -3.57
N THR B 386 3.06 -36.06 -4.16
CA THR B 386 4.26 -36.19 -4.98
C THR B 386 5.53 -35.70 -4.29
N ASP B 387 5.43 -34.87 -3.26
CA ASP B 387 6.61 -34.38 -2.56
C ASP B 387 6.19 -33.85 -1.21
N VAL B 388 7.08 -33.97 -0.23
CA VAL B 388 6.95 -33.30 1.06
C VAL B 388 8.26 -32.58 1.32
N ARG B 389 8.20 -31.29 1.64
CA ARG B 389 9.43 -30.53 1.83
C ARG B 389 9.25 -29.51 2.94
N VAL B 390 10.32 -29.30 3.70
CA VAL B 390 10.33 -28.37 4.82
C VAL B 390 11.55 -27.47 4.69
N CYS B 391 11.38 -26.17 4.94
CA CYS B 391 12.51 -25.25 5.02
C CYS B 391 12.22 -24.25 6.14
N GLY B 392 12.95 -24.36 7.25
CA GLY B 392 12.62 -23.53 8.40
C GLY B 392 11.19 -23.78 8.83
N ALA B 393 10.48 -22.71 9.14
CA ALA B 393 9.10 -22.85 9.60
C ALA B 393 8.14 -22.78 8.41
N ILE B 394 8.43 -23.59 7.40
CA ILE B 394 7.63 -23.74 6.19
C ILE B 394 7.47 -25.22 5.94
N GLY B 395 6.24 -25.70 5.86
CA GLY B 395 6.01 -27.10 5.54
C GLY B 395 5.06 -27.28 4.38
N VAL B 396 5.40 -28.13 3.40
CA VAL B 396 4.65 -28.24 2.16
C VAL B 396 4.37 -29.71 1.83
N ILE B 397 3.11 -30.03 1.57
CA ILE B 397 2.74 -31.28 0.90
C ILE B 397 2.32 -30.92 -0.52
N GLU B 398 3.05 -31.43 -1.50
CA GLU B 398 2.71 -31.20 -2.90
C GLU B 398 1.94 -32.41 -3.41
N CYS B 399 0.73 -32.17 -3.91
CA CYS B 399 -0.16 -33.22 -4.38
C CYS B 399 -0.16 -33.30 -5.90
N ASP B 400 -0.79 -34.34 -6.42
CA ASP B 400 -0.78 -34.57 -7.87
C ASP B 400 -1.97 -33.95 -8.58
N ARG B 401 -2.84 -33.25 -7.86
CA ARG B 401 -3.97 -32.57 -8.46
C ARG B 401 -4.24 -31.30 -7.68
N PRO B 402 -4.93 -30.33 -8.27
CA PRO B 402 -5.36 -29.15 -7.50
C PRO B 402 -6.21 -29.56 -6.31
N VAL B 403 -5.97 -28.91 -5.17
CA VAL B 403 -6.69 -29.20 -3.94
C VAL B 403 -8.00 -28.42 -3.94
N ASP B 404 -9.11 -29.13 -3.74
CA ASP B 404 -10.42 -28.49 -3.75
C ASP B 404 -10.71 -27.88 -2.38
N LEU B 405 -10.89 -26.54 -2.35
CA LEU B 405 -11.11 -25.86 -1.08
C LEU B 405 -12.39 -26.33 -0.41
N ALA B 406 -13.41 -26.70 -1.20
CA ALA B 406 -14.67 -27.12 -0.62
C ALA B 406 -14.52 -28.39 0.21
N VAL B 407 -13.50 -29.19 -0.07
CA VAL B 407 -13.18 -30.35 0.75
C VAL B 407 -12.14 -30.02 1.81
N ALA B 408 -11.07 -29.34 1.42
CA ALA B 408 -9.97 -29.07 2.33
C ALA B 408 -10.39 -28.19 3.51
N THR B 409 -11.18 -27.13 3.26
CA THR B 409 -11.45 -26.19 4.34
C THR B 409 -12.23 -26.83 5.48
N PRO B 410 -13.34 -27.55 5.26
CA PRO B 410 -13.99 -28.20 6.40
C PRO B 410 -13.20 -29.35 6.99
N ALA B 411 -12.45 -30.10 6.16
CA ALA B 411 -11.62 -31.17 6.71
C ALA B 411 -10.62 -30.62 7.73
N ALA B 412 -9.99 -29.50 7.42
CA ALA B 412 -9.03 -28.93 8.37
C ALA B 412 -9.74 -28.32 9.57
N LEU B 413 -10.86 -27.62 9.34
CA LEU B 413 -11.61 -27.06 10.46
C LEU B 413 -12.10 -28.15 11.41
N ASP B 414 -12.52 -29.30 10.87
CA ASP B 414 -12.91 -30.45 11.70
C ASP B 414 -11.78 -30.89 12.61
N ARG B 415 -10.53 -30.67 12.20
CA ARG B 415 -9.38 -31.04 13.01
CA ARG B 415 -9.33 -31.03 12.95
C ARG B 415 -8.76 -29.85 13.73
N GLY B 416 -9.48 -28.75 13.82
CA GLY B 416 -9.07 -27.61 14.64
C GLY B 416 -8.00 -26.72 14.04
N VAL B 417 -7.91 -26.66 12.72
CA VAL B 417 -6.83 -25.92 12.06
C VAL B 417 -7.40 -25.13 10.89
N TRP B 418 -7.00 -23.86 10.77
CA TRP B 418 -7.29 -23.07 9.59
C TRP B 418 -6.15 -23.25 8.59
N LEU B 419 -6.44 -23.87 7.46
CA LEU B 419 -5.49 -24.10 6.36
C LEU B 419 -6.05 -23.46 5.11
N ARG B 420 -5.16 -22.94 4.27
CA ARG B 420 -5.54 -22.30 3.01
C ARG B 420 -4.70 -22.89 1.89
N PRO B 421 -5.09 -24.04 1.33
CA PRO B 421 -4.35 -24.59 0.20
C PRO B 421 -4.46 -23.65 -0.99
N PHE B 422 -3.48 -23.76 -1.88
CA PHE B 422 -3.62 -23.12 -3.19
C PHE B 422 -2.94 -24.00 -4.21
N ARG B 423 -3.45 -23.95 -5.45
CA ARG B 423 -3.01 -24.85 -6.52
C ARG B 423 -3.03 -26.27 -5.97
N ASN B 424 -1.96 -27.04 -6.14
CA ASN B 424 -1.86 -28.43 -5.67
C ASN B 424 -1.12 -28.55 -4.34
N LEU B 425 -1.12 -27.50 -3.51
CA LEU B 425 -0.26 -27.47 -2.33
C LEU B 425 -1.09 -27.41 -1.06
N VAL B 426 -0.75 -28.28 -0.10
CA VAL B 426 -1.21 -28.15 1.28
C VAL B 426 -0.01 -27.74 2.12
N TYR B 427 -0.05 -26.54 2.70
CA TYR B 427 1.18 -26.04 3.29
C TYR B 427 0.86 -25.18 4.51
N ALA B 428 1.89 -24.95 5.31
CA ALA B 428 1.73 -24.14 6.52
C ALA B 428 2.99 -23.33 6.74
N MET B 429 2.79 -22.14 7.34
CA MET B 429 3.88 -21.29 7.83
C MET B 429 3.43 -20.85 9.22
N PRO B 430 3.61 -21.69 10.23
CA PRO B 430 2.96 -21.43 11.53
C PRO B 430 3.63 -20.31 12.31
N PRO B 431 2.92 -19.72 13.27
CA PRO B 431 3.55 -18.73 14.15
C PRO B 431 4.69 -19.35 14.92
N TYR B 432 5.73 -18.54 15.19
CA TYR B 432 6.92 -19.05 15.86
C TYR B 432 6.63 -19.48 17.29
N ILE B 433 5.50 -19.04 17.85
CA ILE B 433 5.16 -19.36 19.23
C ILE B 433 4.40 -20.67 19.37
N CYS B 434 4.14 -21.37 18.27
CA CYS B 434 3.44 -22.66 18.34
C CYS B 434 4.24 -23.65 19.17
N THR B 435 3.55 -24.34 20.05
CA THR B 435 4.17 -25.41 20.82
C THR B 435 4.35 -26.65 19.97
N PRO B 436 5.23 -27.57 20.39
CA PRO B 436 5.39 -28.83 19.65
C PRO B 436 4.08 -29.56 19.42
N ALA B 437 3.18 -29.52 20.43
CA ALA B 437 1.89 -30.17 20.29
C ALA B 437 1.03 -29.46 19.26
N GLU B 438 1.12 -28.13 19.20
CA GLU B 438 0.33 -27.39 18.21
C GLU B 438 0.82 -27.67 16.80
N ILE B 439 2.13 -27.81 16.62
CA ILE B 439 2.69 -28.15 15.31
C ILE B 439 2.21 -29.52 14.87
N THR B 440 2.23 -30.49 15.80
CA THR B 440 1.75 -31.82 15.45
C THR B 440 0.26 -31.79 15.09
N GLN B 441 -0.53 -30.95 15.76
CA GLN B 441 -1.93 -30.81 15.38
C GLN B 441 -2.07 -30.22 13.98
N ILE B 442 -1.22 -29.26 13.64
CA ILE B 442 -1.23 -28.67 12.30
C ILE B 442 -0.84 -29.71 11.26
N THR B 443 0.28 -30.43 11.48
CA THR B 443 0.72 -31.40 10.48
C THR B 443 -0.29 -32.54 10.36
N SER B 444 -0.96 -32.91 11.44
CA SER B 444 -1.99 -33.94 11.35
C SER B 444 -3.13 -33.51 10.45
N ALA B 445 -3.58 -32.27 10.58
CA ALA B 445 -4.66 -31.78 9.73
C ALA B 445 -4.21 -31.71 8.27
N MET B 446 -2.96 -31.32 8.03
CA MET B 446 -2.45 -31.30 6.66
C MET B 446 -2.42 -32.69 6.05
N VAL B 447 -1.98 -33.68 6.83
CA VAL B 447 -1.95 -35.06 6.32
C VAL B 447 -3.35 -35.51 5.98
N GLU B 448 -4.32 -35.20 6.83
CA GLU B 448 -5.68 -35.64 6.57
C GLU B 448 -6.30 -34.91 5.39
N VAL B 449 -5.90 -33.65 5.14
CA VAL B 449 -6.36 -32.99 3.91
C VAL B 449 -5.79 -33.71 2.70
N ALA B 450 -4.49 -33.99 2.73
CA ALA B 450 -3.84 -34.71 1.63
C ALA B 450 -4.47 -36.08 1.43
N ARG B 451 -4.81 -36.76 2.53
CA ARG B 451 -5.46 -38.07 2.44
C ARG B 451 -6.77 -37.96 1.68
N LEU B 452 -7.55 -36.92 1.97
CA LEU B 452 -8.83 -36.74 1.31
C LEU B 452 -8.67 -36.33 -0.15
N VAL B 453 -7.57 -35.65 -0.48
CA VAL B 453 -7.34 -35.28 -1.87
C VAL B 453 -7.30 -36.52 -2.75
N GLY B 454 -6.68 -37.60 -2.26
CA GLY B 454 -6.66 -38.85 -2.99
C GLY B 454 -7.82 -39.79 -2.65
N SER B 455 -8.99 -39.22 -2.34
CA SER B 455 -10.17 -40.01 -1.96
C SER B 455 -11.40 -39.65 -2.79
#